data_7WKZ
#
_entry.id   7WKZ
#
_cell.length_a   58.998
_cell.length_b   183.182
_cell.length_c   59.175
_cell.angle_alpha   90.000
_cell.angle_beta   106.514
_cell.angle_gamma   90.000
#
_symmetry.space_group_name_H-M   'P 1 21 1'
#
loop_
_entity.id
_entity.type
_entity.pdbx_description
1 polymer 'Serum albumin'
2 non-polymer 7-[4-[4-[2,3-bis(chloranyl)phenyl]piperazin-1-yl]butoxy]-3,4-dihydro-1H-quinolin-2-one
3 non-polymer 'MYCOPHENOLIC ACID'
#
_entity_poly.entity_id   1
_entity_poly.type   'polypeptide(L)'
_entity_poly.pdbx_seq_one_letter_code
;DAHKSEVAHRFKDLGEENFKALVLIAFAQYLQQCPFEDHVKLVNEVTEFAKTCVADESAENCDKSLHTLFGDKLCTVATL
RETYGEMADCCAKQEPERNECFLQHKDDNPNLPRLVRPEVDVMCTAFHDNEETFLKKYLYEIARRHPYFYAPELLFFAKR
YKAAFTECCQAADKAACLLPKLDELRDEGKASSAKQRLKCASLQKFGERAFKAWAVARLSQRFPKAEFAEVSKLVTDLTK
VHTECCHGDLLECADDRADLAKYICENQDSISSKLKECCEKPLLEKSHCIAEVENDEMPADLPSLAADFVESKDVCKNYA
EAKDVFLGMFLYEYARRHPDYSVVLLLRLAKTYETTLEKCCAAADPHECYAKVFDEFKPLVEEPQNLIKQNCELFEQLGE
YKFQNALLVRYTKKVPQVSTPTLVEVSRNLGKVGSKCCKHPEAKRMPCAEDYLSVVLNQLCVLHEKTPVSDRVTKCCTES
LVNRRPCFSALEVDETYVPKEFNAETFTFHADICTLSEKERQIKKQTALVELVKHKPKATKEQLKAVMDDFAAFVEKCCK
ADDKETCFAEEGKKLVAASQAALGL
;
_entity_poly.pdbx_strand_id   A,B
#
# COMPACT_ATOMS: atom_id res chain seq x y z
N HIS A 3 -46.24 16.30 -11.51
CA HIS A 3 -46.94 16.93 -12.68
C HIS A 3 -47.84 15.91 -13.39
N LYS A 4 -48.54 16.39 -14.44
CA LYS A 4 -49.42 15.56 -15.27
C LYS A 4 -48.60 14.66 -16.17
N SER A 5 -47.54 15.20 -16.80
CA SER A 5 -46.53 14.45 -17.53
C SER A 5 -45.38 14.11 -16.61
N GLU A 6 -44.88 12.85 -16.70
CA GLU A 6 -44.01 12.26 -15.70
C GLU A 6 -42.54 12.55 -16.04
N VAL A 7 -42.19 12.38 -17.31
CA VAL A 7 -40.84 12.54 -17.82
C VAL A 7 -40.36 13.98 -17.66
N ALA A 8 -41.26 14.96 -17.87
CA ALA A 8 -40.91 16.37 -17.81
C ALA A 8 -40.51 16.78 -16.40
N HIS A 9 -41.21 16.22 -15.40
CA HIS A 9 -40.95 16.48 -13.99
C HIS A 9 -39.53 16.04 -13.62
N ARG A 10 -39.16 14.81 -14.00
CA ARG A 10 -37.86 14.24 -13.74
C ARG A 10 -36.76 14.97 -14.51
N PHE A 11 -37.02 15.25 -15.81
CA PHE A 11 -36.07 15.93 -16.70
C PHE A 11 -35.70 17.31 -16.15
N LYS A 12 -36.70 18.02 -15.61
CA LYS A 12 -36.52 19.36 -15.07
C LYS A 12 -35.67 19.29 -13.82
N ASP A 13 -36.01 18.37 -12.90
CA ASP A 13 -35.39 18.27 -11.59
C ASP A 13 -33.92 17.88 -11.70
N LEU A 14 -33.63 16.93 -12.61
CA LEU A 14 -32.33 16.28 -12.73
C LEU A 14 -31.42 17.06 -13.69
N GLY A 15 -32.04 17.78 -14.64
CA GLY A 15 -31.31 18.40 -15.72
C GLY A 15 -31.08 17.39 -16.84
N GLU A 16 -30.78 17.89 -18.06
CA GLU A 16 -30.52 17.08 -19.23
C GLU A 16 -29.34 16.11 -19.04
N GLU A 17 -28.25 16.57 -18.39
CA GLU A 17 -27.02 15.79 -18.25
C GLU A 17 -27.24 14.49 -17.46
N ASN A 18 -27.82 14.62 -16.26
CA ASN A 18 -28.09 13.48 -15.38
C ASN A 18 -29.18 12.59 -15.98
N PHE A 19 -30.27 13.21 -16.46
CA PHE A 19 -31.35 12.51 -17.14
C PHE A 19 -30.82 11.57 -18.23
N LYS A 20 -30.07 12.15 -19.18
CA LYS A 20 -29.45 11.43 -20.28
C LYS A 20 -28.67 10.23 -19.76
N ALA A 21 -27.91 10.45 -18.66
CA ALA A 21 -27.08 9.45 -18.06
C ALA A 21 -27.94 8.39 -17.38
N LEU A 22 -28.96 8.86 -16.66
CA LEU A 22 -29.82 7.99 -15.89
C LEU A 22 -30.62 7.05 -16.81
N VAL A 23 -31.15 7.59 -17.90
CA VAL A 23 -31.92 6.82 -18.87
C VAL A 23 -31.06 5.77 -19.55
N LEU A 24 -29.84 6.15 -20.00
CA LEU A 24 -28.89 5.24 -20.64
C LEU A 24 -28.59 4.06 -19.74
N ILE A 25 -28.34 4.35 -18.45
CA ILE A 25 -28.06 3.35 -17.44
C ILE A 25 -29.23 2.37 -17.33
N ALA A 26 -30.46 2.89 -17.45
CA ALA A 26 -31.71 2.14 -17.37
C ALA A 26 -31.79 1.13 -18.51
N PHE A 27 -31.40 1.59 -19.71
CA PHE A 27 -31.43 0.77 -20.92
C PHE A 27 -30.37 -0.32 -20.86
N ALA A 28 -29.14 0.02 -20.44
CA ALA A 28 -28.03 -0.89 -20.38
C ALA A 28 -28.26 -2.02 -19.37
N GLN A 29 -29.09 -1.76 -18.35
CA GLN A 29 -29.38 -2.69 -17.26
C GLN A 29 -30.53 -3.65 -17.58
N TYR A 30 -31.44 -3.22 -18.48
CA TYR A 30 -32.51 -4.05 -19.02
C TYR A 30 -31.98 -4.91 -20.16
N LEU A 31 -31.77 -4.28 -21.33
CA LEU A 31 -31.18 -4.93 -22.49
C LEU A 31 -29.65 -4.79 -22.41
N GLN A 32 -28.98 -5.78 -21.81
CA GLN A 32 -27.55 -5.73 -21.49
C GLN A 32 -26.67 -6.11 -22.68
N GLN A 33 -27.31 -6.62 -23.76
CA GLN A 33 -26.60 -7.17 -24.91
C GLN A 33 -26.47 -6.16 -26.04
N CYS A 34 -27.44 -5.24 -26.15
CA CYS A 34 -27.54 -4.33 -27.30
C CYS A 34 -26.30 -3.46 -27.39
N PRO A 35 -25.75 -3.21 -28.61
CA PRO A 35 -24.49 -2.45 -28.75
C PRO A 35 -24.63 -1.08 -28.10
N PHE A 36 -23.49 -0.40 -27.88
CA PHE A 36 -23.42 0.92 -27.25
C PHE A 36 -24.14 1.97 -28.08
N GLU A 37 -23.93 1.92 -29.41
CA GLU A 37 -24.37 2.97 -30.33
C GLU A 37 -25.90 2.98 -30.47
N ASP A 38 -26.51 1.79 -30.41
CA ASP A 38 -27.92 1.59 -30.72
C ASP A 38 -28.82 2.20 -29.64
N HIS A 39 -28.43 2.04 -28.36
CA HIS A 39 -29.13 2.62 -27.23
C HIS A 39 -28.97 4.15 -27.19
N VAL A 40 -27.72 4.61 -27.34
CA VAL A 40 -27.40 6.02 -27.40
C VAL A 40 -28.42 6.71 -28.29
N LYS A 41 -28.77 6.04 -29.40
CA LYS A 41 -29.76 6.49 -30.35
C LYS A 41 -31.13 6.55 -29.68
N LEU A 42 -31.47 5.51 -28.91
CA LEU A 42 -32.73 5.42 -28.20
C LEU A 42 -32.83 6.49 -27.12
N VAL A 43 -31.73 6.69 -26.37
CA VAL A 43 -31.66 7.62 -25.25
C VAL A 43 -31.91 9.06 -25.73
N ASN A 44 -31.20 9.46 -26.80
CA ASN A 44 -31.30 10.80 -27.36
C ASN A 44 -32.71 11.07 -27.89
N GLU A 45 -33.34 10.03 -28.45
CA GLU A 45 -34.72 10.11 -28.92
C GLU A 45 -35.69 10.36 -27.77
N VAL A 46 -35.44 9.71 -26.62
CA VAL A 46 -36.22 9.90 -25.40
C VAL A 46 -35.94 11.28 -24.82
N THR A 47 -34.67 11.72 -24.87
CA THR A 47 -34.24 13.02 -24.37
C THR A 47 -34.89 14.13 -25.19
N GLU A 48 -34.82 14.00 -26.52
CA GLU A 48 -35.40 14.94 -27.48
C GLU A 48 -36.91 15.04 -27.27
N PHE A 49 -37.56 13.89 -27.02
CA PHE A 49 -38.99 13.81 -26.79
C PHE A 49 -39.33 14.40 -25.43
N ALA A 50 -38.42 14.21 -24.45
CA ALA A 50 -38.53 14.75 -23.10
C ALA A 50 -38.62 16.27 -23.14
N LYS A 51 -37.96 16.90 -24.13
CA LYS A 51 -37.91 18.34 -24.31
C LYS A 51 -39.24 18.86 -24.88
N THR A 52 -39.97 18.00 -25.59
CA THR A 52 -41.31 18.31 -26.09
C THR A 52 -42.28 18.57 -24.94
N CYS A 53 -42.26 17.68 -23.93
CA CYS A 53 -43.16 17.71 -22.78
C CYS A 53 -42.83 18.83 -21.80
N VAL A 54 -41.55 19.28 -21.81
CA VAL A 54 -41.04 20.37 -20.98
C VAL A 54 -41.63 21.69 -21.46
N ALA A 55 -41.62 21.91 -22.79
CA ALA A 55 -42.18 23.09 -23.42
C ALA A 55 -43.68 23.17 -23.16
N ASP A 56 -44.37 22.02 -23.26
CA ASP A 56 -45.80 21.90 -23.07
C ASP A 56 -46.14 20.48 -22.63
N GLU A 57 -46.67 20.33 -21.41
CA GLU A 57 -47.01 19.05 -20.81
C GLU A 57 -48.25 18.46 -21.48
N SER A 58 -49.08 19.32 -22.08
CA SER A 58 -50.33 18.95 -22.75
C SER A 58 -50.05 18.12 -24.01
N ALA A 59 -48.82 18.18 -24.53
CA ALA A 59 -48.42 17.52 -25.77
C ALA A 59 -48.71 16.03 -25.68
N GLU A 60 -48.95 15.38 -26.83
CA GLU A 60 -49.32 13.97 -26.88
C GLU A 60 -48.16 13.10 -26.39
N ASN A 61 -48.54 11.97 -25.77
CA ASN A 61 -47.65 10.91 -25.30
C ASN A 61 -46.85 11.34 -24.08
N CYS A 62 -47.18 12.50 -23.49
CA CYS A 62 -46.46 13.08 -22.36
C CYS A 62 -46.99 12.54 -21.02
N ASP A 63 -48.30 12.27 -20.97
CA ASP A 63 -49.00 11.79 -19.79
C ASP A 63 -48.63 10.32 -19.49
N LYS A 64 -48.06 9.62 -20.48
CA LYS A 64 -47.63 8.24 -20.33
C LYS A 64 -46.63 8.09 -19.18
N SER A 65 -46.63 6.89 -18.58
CA SER A 65 -45.77 6.53 -17.47
C SER A 65 -44.36 6.25 -17.99
N LEU A 66 -43.35 6.45 -17.13
CA LEU A 66 -41.95 6.28 -17.51
C LEU A 66 -41.70 4.86 -18.00
N HIS A 67 -42.35 3.88 -17.37
CA HIS A 67 -42.21 2.49 -17.78
C HIS A 67 -42.67 2.34 -19.23
N THR A 68 -43.88 2.83 -19.52
CA THR A 68 -44.47 2.67 -20.84
C THR A 68 -43.57 3.26 -21.91
N LEU A 69 -43.10 4.50 -21.69
CA LEU A 69 -42.26 5.20 -22.65
C LEU A 69 -40.97 4.43 -22.89
N PHE A 70 -40.33 3.96 -21.81
CA PHE A 70 -39.08 3.23 -21.87
C PHE A 70 -39.24 1.89 -22.58
N GLY A 71 -40.28 1.13 -22.18
CA GLY A 71 -40.57 -0.18 -22.74
C GLY A 71 -40.90 -0.15 -24.24
N ASP A 72 -41.52 0.94 -24.71
CA ASP A 72 -41.91 1.11 -26.10
C ASP A 72 -40.71 1.31 -27.01
N LYS A 73 -39.74 2.11 -26.53
CA LYS A 73 -38.56 2.48 -27.31
C LYS A 73 -37.51 1.36 -27.28
N LEU A 74 -37.60 0.46 -26.27
CA LEU A 74 -36.69 -0.66 -26.10
C LEU A 74 -37.13 -1.84 -26.98
N CYS A 75 -38.46 -2.02 -27.12
CA CYS A 75 -39.06 -3.11 -27.90
C CYS A 75 -39.04 -2.82 -29.40
N THR A 76 -38.08 -1.98 -29.83
CA THR A 76 -37.93 -1.56 -31.22
C THR A 76 -36.63 -2.12 -31.79
N VAL A 77 -35.72 -2.54 -30.88
CA VAL A 77 -34.49 -3.24 -31.22
C VAL A 77 -34.89 -4.70 -31.45
N GLY A 85 -31.18 -17.62 -30.64
CA GLY A 85 -31.48 -16.45 -31.49
C GLY A 85 -31.56 -15.15 -30.67
N GLU A 86 -31.14 -15.23 -29.39
CA GLU A 86 -31.06 -14.10 -28.47
C GLU A 86 -32.38 -13.34 -28.47
N MET A 87 -33.44 -14.08 -28.10
CA MET A 87 -34.80 -13.59 -27.98
C MET A 87 -35.48 -14.33 -26.83
N ALA A 88 -35.62 -13.63 -25.69
CA ALA A 88 -36.38 -14.07 -24.53
C ALA A 88 -37.83 -13.63 -24.66
N ASP A 89 -38.04 -12.55 -25.45
CA ASP A 89 -39.34 -12.02 -25.83
C ASP A 89 -40.10 -11.54 -24.60
N CYS A 90 -39.65 -10.40 -24.07
CA CYS A 90 -40.21 -9.75 -22.89
C CYS A 90 -41.27 -8.73 -23.27
N CYS A 91 -41.35 -8.38 -24.57
CA CYS A 91 -42.39 -7.55 -25.14
C CYS A 91 -43.72 -8.33 -25.08
N ALA A 92 -44.27 -8.41 -23.86
CA ALA A 92 -45.46 -9.21 -23.53
C ALA A 92 -46.54 -8.34 -22.90
N LYS A 93 -47.27 -7.58 -23.73
CA LYS A 93 -48.51 -6.91 -23.38
C LYS A 93 -48.29 -5.90 -22.24
N GLN A 94 -49.23 -5.85 -21.29
CA GLN A 94 -49.35 -4.83 -20.24
C GLN A 94 -47.99 -4.55 -19.61
N GLU A 95 -47.85 -3.33 -19.03
CA GLU A 95 -46.61 -2.83 -18.47
C GLU A 95 -46.26 -3.54 -17.15
N PRO A 96 -47.26 -3.86 -16.29
CA PRO A 96 -47.03 -4.71 -15.13
C PRO A 96 -46.33 -6.03 -15.47
N GLU A 97 -46.43 -6.44 -16.75
CA GLU A 97 -45.83 -7.69 -17.24
C GLU A 97 -44.48 -7.42 -17.90
N ARG A 98 -44.46 -6.41 -18.79
CA ARG A 98 -43.29 -6.06 -19.59
C ARG A 98 -42.12 -5.68 -18.69
N ASN A 99 -42.32 -4.65 -17.84
CA ASN A 99 -41.27 -4.10 -16.98
C ASN A 99 -40.74 -5.18 -16.03
N GLU A 100 -41.64 -5.91 -15.37
CA GLU A 100 -41.30 -7.00 -14.46
C GLU A 100 -40.58 -8.12 -15.21
N CYS A 101 -40.84 -8.21 -16.53
CA CYS A 101 -40.16 -9.16 -17.41
C CYS A 101 -38.68 -8.78 -17.56
N PHE A 102 -38.42 -7.52 -17.91
CA PHE A 102 -37.07 -6.97 -18.05
C PHE A 102 -36.32 -7.07 -16.74
N LEU A 103 -37.05 -6.86 -15.63
CA LEU A 103 -36.52 -6.98 -14.28
C LEU A 103 -36.16 -8.44 -13.99
N GLN A 104 -36.97 -9.36 -14.55
CA GLN A 104 -36.84 -10.80 -14.34
C GLN A 104 -35.59 -11.33 -15.05
N HIS A 105 -35.30 -10.78 -16.22
CA HIS A 105 -34.26 -11.24 -17.13
C HIS A 105 -32.89 -10.67 -16.81
N LYS A 106 -32.82 -9.66 -15.92
CA LYS A 106 -31.58 -9.02 -15.50
C LYS A 106 -30.55 -10.10 -15.13
N ASP A 107 -29.51 -10.24 -15.98
CA ASP A 107 -28.46 -11.26 -15.83
C ASP A 107 -27.34 -10.71 -14.95
N ASP A 108 -27.15 -11.33 -13.78
CA ASP A 108 -26.13 -10.91 -12.82
C ASP A 108 -24.74 -11.08 -13.41
N ASN A 109 -24.54 -12.26 -14.03
CA ASN A 109 -23.32 -12.58 -14.78
C ASN A 109 -23.65 -12.71 -16.26
N PRO A 110 -23.72 -11.58 -17.01
CA PRO A 110 -24.34 -11.55 -18.33
C PRO A 110 -23.49 -12.18 -19.43
N ASN A 111 -22.27 -12.60 -19.09
CA ASN A 111 -21.37 -13.18 -20.09
C ASN A 111 -21.09 -12.21 -21.24
N LEU A 112 -20.25 -11.22 -20.96
CA LEU A 112 -19.73 -10.23 -21.90
C LEU A 112 -18.20 -10.28 -21.84
N PRO A 113 -17.50 -10.06 -22.98
CA PRO A 113 -16.03 -10.03 -22.97
C PRO A 113 -15.57 -9.07 -21.88
N ARG A 114 -14.65 -9.50 -21.01
CA ARG A 114 -13.96 -8.55 -20.12
C ARG A 114 -13.30 -7.47 -21.00
N LEU A 115 -13.57 -6.19 -20.71
CA LEU A 115 -12.98 -5.13 -21.52
C LEU A 115 -11.52 -5.00 -21.06
N VAL A 116 -10.60 -5.03 -22.03
CA VAL A 116 -9.20 -4.71 -21.77
C VAL A 116 -8.99 -3.20 -21.73
N ARG A 117 -8.02 -2.79 -20.93
CA ARG A 117 -7.62 -1.41 -20.69
C ARG A 117 -6.53 -1.01 -21.67
N PRO A 118 -6.86 -0.19 -22.70
CA PRO A 118 -5.87 0.34 -23.65
C PRO A 118 -4.80 1.14 -22.92
N GLU A 119 -3.70 1.43 -23.62
CA GLU A 119 -2.58 2.16 -23.05
C GLU A 119 -3.03 3.57 -22.71
N VAL A 120 -2.37 4.17 -21.70
CA VAL A 120 -2.76 5.46 -21.13
C VAL A 120 -2.84 6.51 -22.25
N ASP A 121 -1.88 6.47 -23.19
CA ASP A 121 -1.83 7.48 -24.24
C ASP A 121 -3.02 7.34 -25.19
N VAL A 122 -3.45 6.10 -25.42
CA VAL A 122 -4.60 5.75 -26.26
C VAL A 122 -5.90 6.29 -25.67
N MET A 123 -6.05 6.21 -24.34
CA MET A 123 -7.26 6.59 -23.62
C MET A 123 -7.37 8.11 -23.49
N CYS A 124 -6.22 8.77 -23.34
CA CYS A 124 -6.17 10.21 -23.14
C CYS A 124 -6.62 10.94 -24.41
N THR A 125 -6.18 10.44 -25.58
CA THR A 125 -6.45 11.02 -26.89
C THR A 125 -7.94 10.90 -27.24
N ALA A 126 -8.55 9.73 -26.98
CA ALA A 126 -9.98 9.52 -27.13
C ALA A 126 -10.79 10.47 -26.23
N PHE A 127 -10.17 10.91 -25.12
CA PHE A 127 -10.76 11.84 -24.17
C PHE A 127 -10.74 13.27 -24.71
N HIS A 128 -9.74 13.57 -25.57
CA HIS A 128 -9.56 14.85 -26.25
C HIS A 128 -10.39 14.88 -27.54
N ASP A 129 -10.54 13.75 -28.24
CA ASP A 129 -11.32 13.61 -29.45
C ASP A 129 -12.80 13.92 -29.16
N ASN A 130 -13.48 12.97 -28.50
CA ASN A 130 -14.87 13.09 -28.08
C ASN A 130 -15.01 12.63 -26.63
N GLU A 131 -14.95 13.61 -25.71
CA GLU A 131 -15.02 13.42 -24.26
C GLU A 131 -16.38 12.86 -23.86
N GLU A 132 -17.44 13.28 -24.57
CA GLU A 132 -18.81 12.86 -24.30
C GLU A 132 -18.96 11.36 -24.50
N THR A 133 -18.54 10.86 -25.66
CA THR A 133 -18.63 9.46 -26.05
C THR A 133 -17.89 8.56 -25.06
N PHE A 134 -16.71 9.02 -24.59
CA PHE A 134 -15.85 8.29 -23.68
C PHE A 134 -16.56 8.00 -22.35
N LEU A 135 -17.22 9.01 -21.78
CA LEU A 135 -17.90 8.91 -20.49
C LEU A 135 -19.15 8.02 -20.60
N LYS A 136 -19.84 8.08 -21.76
CA LYS A 136 -21.02 7.28 -22.02
C LYS A 136 -20.69 5.78 -22.06
N LYS A 137 -19.56 5.45 -22.71
CA LYS A 137 -19.06 4.08 -22.83
C LYS A 137 -18.74 3.49 -21.45
N TYR A 138 -18.47 4.37 -20.47
CA TYR A 138 -18.19 3.99 -19.09
C TYR A 138 -19.48 3.56 -18.39
N LEU A 139 -20.51 4.41 -18.48
CA LEU A 139 -21.82 4.10 -17.93
C LEU A 139 -22.39 2.85 -18.57
N TYR A 140 -22.24 2.73 -19.89
CA TYR A 140 -22.70 1.59 -20.67
C TYR A 140 -22.11 0.30 -20.11
N GLU A 141 -20.78 0.17 -20.17
CA GLU A 141 -20.06 -1.07 -19.90
C GLU A 141 -20.20 -1.50 -18.44
N ILE A 142 -20.50 -0.56 -17.55
CA ILE A 142 -20.63 -0.83 -16.12
C ILE A 142 -22.04 -1.33 -15.81
N ALA A 143 -23.04 -0.67 -16.42
CA ALA A 143 -24.44 -0.98 -16.23
C ALA A 143 -24.82 -2.34 -16.86
N ARG A 144 -24.05 -2.78 -17.86
CA ARG A 144 -24.23 -4.07 -18.51
C ARG A 144 -23.87 -5.21 -17.58
N ARG A 145 -22.67 -5.15 -16.98
CA ARG A 145 -22.09 -6.22 -16.18
C ARG A 145 -22.54 -6.11 -14.71
N HIS A 146 -23.18 -4.98 -14.37
CA HIS A 146 -23.77 -4.76 -13.05
C HIS A 146 -25.20 -4.22 -13.23
N PRO A 147 -26.18 -5.08 -13.58
CA PRO A 147 -27.57 -4.65 -13.77
C PRO A 147 -28.25 -4.11 -12.50
N TYR A 148 -27.70 -4.47 -11.31
CA TYR A 148 -28.18 -4.04 -10.00
C TYR A 148 -27.16 -3.10 -9.34
N PHE A 149 -26.58 -2.18 -10.13
CA PHE A 149 -25.68 -1.14 -9.65
C PHE A 149 -26.50 0.08 -9.26
N TYR A 150 -26.10 0.75 -8.16
CA TYR A 150 -26.73 1.96 -7.66
C TYR A 150 -26.52 3.10 -8.66
N ALA A 151 -27.55 3.41 -9.44
CA ALA A 151 -27.43 4.33 -10.57
C ALA A 151 -26.85 5.66 -10.11
N PRO A 152 -27.46 6.33 -9.09
CA PRO A 152 -26.98 7.64 -8.64
C PRO A 152 -25.55 7.57 -8.08
N GLU A 153 -25.13 6.37 -7.66
CA GLU A 153 -23.77 6.11 -7.19
C GLU A 153 -22.83 5.89 -8.38
N LEU A 154 -23.41 5.51 -9.54
CA LEU A 154 -22.68 5.31 -10.77
C LEU A 154 -22.39 6.64 -11.44
N LEU A 155 -23.27 7.63 -11.23
CA LEU A 155 -23.09 8.97 -11.78
C LEU A 155 -21.90 9.65 -11.10
N PHE A 156 -21.76 9.39 -9.79
CA PHE A 156 -20.69 9.92 -8.96
C PHE A 156 -19.35 9.39 -9.43
N PHE A 157 -19.28 8.08 -9.71
CA PHE A 157 -18.08 7.39 -10.16
C PHE A 157 -17.69 7.85 -11.57
N ALA A 158 -18.71 8.16 -12.39
CA ALA A 158 -18.53 8.66 -13.72
C ALA A 158 -17.80 10.00 -13.68
N LYS A 159 -18.25 10.91 -12.81
CA LYS A 159 -17.62 12.23 -12.64
C LYS A 159 -16.16 12.07 -12.21
N ARG A 160 -15.90 11.21 -11.20
CA ARG A 160 -14.57 10.92 -10.72
C ARG A 160 -13.68 10.37 -11.84
N TYR A 161 -14.28 9.60 -12.75
CA TYR A 161 -13.62 9.08 -13.94
C TYR A 161 -13.18 10.23 -14.83
N LYS A 162 -14.06 11.23 -15.01
CA LYS A 162 -13.83 12.39 -15.86
C LYS A 162 -12.75 13.30 -15.25
N ALA A 163 -12.65 13.30 -13.91
CA ALA A 163 -11.67 14.08 -13.16
C ALA A 163 -10.25 13.51 -13.32
N ALA A 164 -10.13 12.18 -13.24
CA ALA A 164 -8.85 11.47 -13.37
C ALA A 164 -8.19 11.75 -14.72
N PHE A 165 -8.96 11.76 -15.82
CA PHE A 165 -8.50 11.99 -17.18
C PHE A 165 -8.22 13.47 -17.40
N THR A 166 -9.10 14.33 -16.87
CA THR A 166 -8.97 15.77 -17.00
C THR A 166 -7.72 16.29 -16.28
N GLU A 167 -7.28 15.57 -15.24
CA GLU A 167 -6.15 15.95 -14.40
C GLU A 167 -4.85 15.34 -14.93
N CYS A 168 -4.85 14.00 -15.15
CA CYS A 168 -3.66 13.22 -15.43
C CYS A 168 -3.15 13.42 -16.86
N CYS A 169 -4.05 13.45 -17.85
CA CYS A 169 -3.71 13.45 -19.27
C CYS A 169 -2.96 14.72 -19.69
N GLN A 170 -2.82 15.68 -18.76
CA GLN A 170 -2.04 16.91 -18.96
C GLN A 170 -0.73 16.89 -18.15
N ALA A 171 -0.52 15.79 -17.41
CA ALA A 171 0.66 15.56 -16.59
C ALA A 171 1.81 15.05 -17.46
N ALA A 172 3.04 15.22 -16.94
CA ALA A 172 4.25 14.65 -17.51
C ALA A 172 4.11 13.13 -17.69
N ASP A 173 3.82 12.42 -16.59
CA ASP A 173 3.73 10.96 -16.54
C ASP A 173 2.29 10.54 -16.29
N LYS A 174 1.49 10.51 -17.38
CA LYS A 174 0.06 10.21 -17.38
C LYS A 174 -0.24 8.81 -16.87
N ALA A 175 0.75 7.90 -17.01
CA ALA A 175 0.59 6.49 -16.68
C ALA A 175 0.68 6.26 -15.17
N ALA A 176 1.50 7.08 -14.49
CA ALA A 176 1.74 6.98 -13.06
C ALA A 176 0.62 7.65 -12.26
N CYS A 177 -0.11 8.57 -12.91
CA CYS A 177 -1.19 9.34 -12.32
C CYS A 177 -2.51 8.60 -12.46
N LEU A 178 -2.86 8.22 -13.70
CA LEU A 178 -4.17 7.73 -14.07
C LEU A 178 -4.40 6.28 -13.60
N LEU A 179 -3.34 5.45 -13.59
CA LEU A 179 -3.47 4.02 -13.41
C LEU A 179 -3.79 3.69 -11.95
N PRO A 180 -3.07 4.27 -10.97
CA PRO A 180 -3.35 4.03 -9.55
C PRO A 180 -4.81 4.34 -9.21
N LYS A 181 -5.37 5.34 -9.91
CA LYS A 181 -6.70 5.88 -9.65
C LYS A 181 -7.77 4.97 -10.23
N LEU A 182 -7.63 4.62 -11.52
CA LEU A 182 -8.59 3.77 -12.23
C LEU A 182 -8.72 2.42 -11.53
N ASP A 183 -7.59 1.87 -11.07
CA ASP A 183 -7.57 0.66 -10.26
C ASP A 183 -8.35 0.89 -8.96
N GLU A 184 -8.20 2.08 -8.37
CA GLU A 184 -8.89 2.48 -7.15
C GLU A 184 -10.39 2.62 -7.43
N LEU A 185 -10.73 3.35 -8.51
CA LEU A 185 -12.12 3.52 -8.94
C LEU A 185 -12.76 2.16 -9.23
N ARG A 186 -12.00 1.26 -9.84
CA ARG A 186 -12.48 -0.05 -10.27
C ARG A 186 -12.77 -0.95 -9.07
N ASP A 187 -11.93 -0.88 -8.04
CA ASP A 187 -12.13 -1.61 -6.79
C ASP A 187 -13.40 -1.15 -6.11
N GLU A 188 -13.61 0.17 -6.04
CA GLU A 188 -14.77 0.82 -5.45
C GLU A 188 -16.03 0.49 -6.24
N GLY A 189 -15.87 0.33 -7.57
CA GLY A 189 -16.92 -0.11 -8.48
C GLY A 189 -17.54 -1.45 -8.08
N LYS A 190 -16.68 -2.48 -7.94
CA LYS A 190 -17.11 -3.80 -7.53
C LYS A 190 -17.79 -3.74 -6.16
N ALA A 191 -17.22 -2.94 -5.23
CA ALA A 191 -17.71 -2.79 -3.85
C ALA A 191 -19.10 -2.14 -3.82
N SER A 192 -19.24 -1.02 -4.53
CA SER A 192 -20.51 -0.33 -4.70
C SER A 192 -21.57 -1.21 -5.35
N SER A 193 -21.15 -2.12 -6.24
CA SER A 193 -22.03 -3.04 -6.94
C SER A 193 -22.48 -4.16 -6.01
N ALA A 194 -21.51 -4.79 -5.33
CA ALA A 194 -21.73 -5.89 -4.40
C ALA A 194 -22.70 -5.49 -3.30
N LYS A 195 -22.48 -4.29 -2.75
CA LYS A 195 -23.22 -3.78 -1.60
C LYS A 195 -24.67 -3.47 -1.99
N GLN A 196 -24.85 -2.97 -3.22
CA GLN A 196 -26.14 -2.56 -3.75
C GLN A 196 -26.99 -3.77 -4.17
N ARG A 197 -26.34 -4.87 -4.56
CA ARG A 197 -27.03 -6.09 -4.93
C ARG A 197 -27.71 -6.70 -3.71
N LEU A 198 -27.04 -6.59 -2.54
CA LEU A 198 -27.58 -7.07 -1.27
C LEU A 198 -28.86 -6.31 -0.89
N LYS A 199 -28.90 -4.99 -1.16
CA LYS A 199 -30.03 -4.16 -0.81
C LYS A 199 -31.25 -4.52 -1.66
N CYS A 200 -30.98 -4.99 -2.90
CA CYS A 200 -32.01 -5.42 -3.84
C CYS A 200 -32.45 -6.87 -3.53
N ALA A 201 -31.56 -7.64 -2.92
CA ALA A 201 -31.86 -9.01 -2.52
C ALA A 201 -32.74 -9.04 -1.27
N SER A 202 -32.43 -8.16 -0.30
CA SER A 202 -33.16 -8.03 0.94
C SER A 202 -34.61 -7.64 0.66
N LEU A 203 -34.79 -6.63 -0.21
CA LEU A 203 -36.10 -6.12 -0.60
C LEU A 203 -36.91 -7.22 -1.30
N GLN A 204 -36.37 -7.73 -2.41
CA GLN A 204 -37.12 -8.47 -3.40
C GLN A 204 -37.25 -9.94 -3.01
N LYS A 205 -36.50 -10.39 -2.00
CA LYS A 205 -36.46 -11.80 -1.61
C LYS A 205 -36.87 -12.01 -0.14
N PHE A 206 -37.15 -10.93 0.59
CA PHE A 206 -37.47 -10.99 2.02
C PHE A 206 -38.58 -10.02 2.39
N GLY A 207 -38.70 -8.89 1.68
CA GLY A 207 -39.81 -7.98 1.90
C GLY A 207 -39.35 -6.60 2.36
N GLU A 208 -40.24 -5.59 2.24
CA GLU A 208 -39.98 -4.22 2.63
C GLU A 208 -39.72 -4.10 4.13
N ARG A 209 -40.45 -4.88 4.94
CA ARG A 209 -40.28 -4.87 6.39
C ARG A 209 -38.90 -5.37 6.79
N ALA A 210 -38.39 -6.35 6.03
CA ALA A 210 -37.04 -6.88 6.19
C ALA A 210 -36.00 -5.79 5.92
N PHE A 211 -36.27 -4.93 4.93
CA PHE A 211 -35.38 -3.83 4.54
C PHE A 211 -35.46 -2.70 5.56
N LYS A 212 -36.69 -2.45 6.07
CA LYS A 212 -36.96 -1.42 7.07
C LYS A 212 -36.19 -1.74 8.36
N ALA A 213 -36.32 -2.99 8.82
CA ALA A 213 -35.68 -3.47 10.00
C ALA A 213 -34.16 -3.26 9.94
N TRP A 214 -33.55 -3.70 8.83
CA TRP A 214 -32.11 -3.59 8.59
C TRP A 214 -31.67 -2.13 8.63
N ALA A 215 -32.47 -1.27 7.99
CA ALA A 215 -32.20 0.14 7.82
C ALA A 215 -32.22 0.87 9.17
N VAL A 216 -33.25 0.59 9.99
CA VAL A 216 -33.44 1.16 11.32
C VAL A 216 -32.19 0.92 12.16
N ALA A 217 -31.73 -0.33 12.17
CA ALA A 217 -30.57 -0.77 12.95
C ALA A 217 -29.31 -0.01 12.56
N ARG A 218 -28.99 0.01 11.25
CA ARG A 218 -27.77 0.61 10.74
C ARG A 218 -27.76 2.12 10.95
N LEU A 219 -28.88 2.80 10.62
CA LEU A 219 -29.03 4.23 10.79
C LEU A 219 -28.87 4.62 12.27
N SER A 220 -29.52 3.85 13.15
CA SER A 220 -29.52 4.07 14.59
C SER A 220 -28.10 4.18 15.14
N GLN A 221 -27.23 3.26 14.71
CA GLN A 221 -25.83 3.23 15.11
C GLN A 221 -25.09 4.45 14.58
N ARG A 222 -25.53 4.99 13.43
CA ARG A 222 -24.84 6.06 12.71
C ARG A 222 -25.39 7.44 13.10
N PHE A 223 -26.69 7.52 13.41
CA PHE A 223 -27.37 8.74 13.84
C PHE A 223 -28.05 8.47 15.19
N PRO A 224 -27.30 8.15 16.26
CA PRO A 224 -27.90 7.81 17.55
C PRO A 224 -28.46 9.03 18.29
N LYS A 225 -27.97 10.23 17.91
CA LYS A 225 -28.36 11.49 18.51
C LYS A 225 -29.76 11.90 18.04
N ALA A 226 -30.31 11.18 17.07
CA ALA A 226 -31.62 11.47 16.48
C ALA A 226 -32.73 10.76 17.26
N GLU A 227 -33.90 11.40 17.29
CA GLU A 227 -35.11 10.86 17.89
C GLU A 227 -35.61 9.74 17.00
N PHE A 228 -36.49 8.85 17.53
CA PHE A 228 -36.91 7.62 16.88
C PHE A 228 -37.65 7.88 15.56
N ALA A 229 -38.63 8.81 15.59
CA ALA A 229 -39.45 9.06 14.41
C ALA A 229 -38.65 9.71 13.29
N GLU A 230 -37.51 10.36 13.62
CA GLU A 230 -36.60 10.95 12.64
C GLU A 230 -35.97 9.84 11.81
N VAL A 231 -35.34 8.87 12.50
CA VAL A 231 -34.77 7.67 11.90
C VAL A 231 -35.86 6.90 11.15
N SER A 232 -37.05 6.77 11.76
CA SER A 232 -38.22 6.13 11.19
C SER A 232 -38.59 6.79 9.86
N LYS A 233 -38.49 8.13 9.83
CA LYS A 233 -38.75 8.92 8.64
C LYS A 233 -37.72 8.57 7.58
N LEU A 234 -36.43 8.67 7.95
CA LEU A 234 -35.30 8.45 7.05
C LEU A 234 -35.29 7.03 6.50
N VAL A 235 -35.82 6.06 7.26
CA VAL A 235 -35.94 4.67 6.84
C VAL A 235 -36.99 4.55 5.73
N THR A 236 -38.15 5.21 5.91
CA THR A 236 -39.22 5.26 4.93
C THR A 236 -38.70 5.86 3.62
N ASP A 237 -38.01 7.01 3.72
CA ASP A 237 -37.51 7.77 2.57
C ASP A 237 -36.45 6.94 1.82
N LEU A 238 -35.60 6.26 2.60
CA LEU A 238 -34.54 5.41 2.05
C LEU A 238 -35.14 4.20 1.34
N THR A 239 -36.04 3.49 2.02
CA THR A 239 -36.70 2.31 1.49
C THR A 239 -37.38 2.65 0.16
N LYS A 240 -37.89 3.88 0.01
CA LYS A 240 -38.60 4.30 -1.19
C LYS A 240 -37.60 4.54 -2.32
N VAL A 241 -36.40 5.05 -1.98
CA VAL A 241 -35.34 5.30 -2.96
C VAL A 241 -34.87 3.98 -3.57
N HIS A 242 -34.45 3.04 -2.72
CA HIS A 242 -33.86 1.76 -3.09
C HIS A 242 -34.87 0.83 -3.77
N THR A 243 -36.14 0.90 -3.36
CA THR A 243 -37.23 0.16 -4.01
C THR A 243 -37.38 0.63 -5.47
N GLU A 244 -37.35 1.95 -5.67
CA GLU A 244 -37.44 2.57 -6.99
C GLU A 244 -36.28 2.10 -7.86
N CYS A 245 -35.07 2.09 -7.26
CA CYS A 245 -33.83 1.77 -7.93
C CYS A 245 -33.76 0.30 -8.31
N CYS A 246 -34.14 -0.56 -7.35
CA CYS A 246 -34.08 -2.00 -7.56
C CYS A 246 -35.21 -2.53 -8.46
N HIS A 247 -36.10 -1.64 -8.96
CA HIS A 247 -37.28 -1.98 -9.75
C HIS A 247 -37.27 -1.29 -11.11
N GLY A 248 -36.14 -0.65 -11.46
CA GLY A 248 -35.99 -0.05 -12.77
C GLY A 248 -36.34 1.43 -12.82
N ASP A 249 -37.12 1.89 -11.83
CA ASP A 249 -37.56 3.26 -11.74
C ASP A 249 -36.41 4.14 -11.27
N LEU A 250 -35.44 4.38 -12.17
CA LEU A 250 -34.17 5.00 -11.83
C LEU A 250 -34.31 6.52 -11.67
N LEU A 251 -35.13 7.15 -12.52
CA LEU A 251 -35.35 8.59 -12.49
C LEU A 251 -35.91 9.04 -11.14
N GLU A 252 -36.90 8.29 -10.62
CA GLU A 252 -37.53 8.58 -9.35
C GLU A 252 -36.53 8.32 -8.21
N CYS A 253 -35.60 7.38 -8.44
CA CYS A 253 -34.58 6.96 -7.48
C CYS A 253 -33.61 8.10 -7.20
N ALA A 254 -32.92 8.60 -8.24
CA ALA A 254 -31.93 9.66 -8.14
C ALA A 254 -32.56 10.98 -7.69
N ASP A 255 -33.79 11.22 -8.14
CA ASP A 255 -34.54 12.44 -7.87
C ASP A 255 -34.85 12.54 -6.38
N ASP A 256 -35.41 11.45 -5.83
CA ASP A 256 -35.72 11.33 -4.42
C ASP A 256 -34.45 11.42 -3.59
N ARG A 257 -33.38 10.73 -4.02
CA ARG A 257 -32.11 10.70 -3.30
C ARG A 257 -31.48 12.10 -3.20
N ALA A 258 -31.67 12.91 -4.25
CA ALA A 258 -31.32 14.32 -4.25
C ALA A 258 -32.17 15.10 -3.24
N ASP A 259 -33.45 14.72 -3.10
CA ASP A 259 -34.38 15.31 -2.16
C ASP A 259 -34.10 14.80 -0.74
N LEU A 260 -33.64 13.54 -0.64
CA LEU A 260 -33.37 12.89 0.64
C LEU A 260 -32.24 13.62 1.33
N ALA A 261 -31.13 13.81 0.60
CA ALA A 261 -29.96 14.52 1.09
C ALA A 261 -30.33 15.97 1.45
N LYS A 262 -31.23 16.59 0.67
CA LYS A 262 -31.73 17.94 0.89
C LYS A 262 -32.33 18.07 2.29
N TYR A 263 -33.39 17.30 2.57
CA TYR A 263 -34.11 17.31 3.85
C TYR A 263 -33.19 16.98 5.01
N ILE A 264 -32.10 16.26 4.73
CA ILE A 264 -31.14 15.80 5.73
C ILE A 264 -30.21 16.94 6.13
N CYS A 265 -29.54 17.55 5.14
CA CYS A 265 -28.54 18.59 5.36
C CYS A 265 -29.19 19.86 5.91
N GLU A 266 -30.51 19.98 5.73
CA GLU A 266 -31.29 21.10 6.23
C GLU A 266 -31.85 20.80 7.63
N ASN A 267 -31.60 19.59 8.15
CA ASN A 267 -31.99 19.13 9.48
C ASN A 267 -30.86 18.33 10.15
N GLN A 268 -29.62 18.80 10.03
CA GLN A 268 -28.46 18.08 10.55
C GLN A 268 -28.54 17.92 12.07
N ASP A 269 -28.90 18.99 12.79
CA ASP A 269 -28.85 18.98 14.25
C ASP A 269 -29.81 17.96 14.86
N SER A 270 -30.93 17.68 14.17
CA SER A 270 -31.92 16.70 14.62
C SER A 270 -31.50 15.26 14.29
N ILE A 271 -30.40 15.10 13.53
CA ILE A 271 -29.95 13.82 12.97
C ILE A 271 -28.56 13.47 13.49
N SER A 272 -27.52 14.20 13.04
CA SER A 272 -26.13 13.90 13.36
C SER A 272 -25.27 15.16 13.27
N SER A 273 -24.01 15.07 13.73
CA SER A 273 -23.05 16.18 13.70
C SER A 273 -22.01 16.00 12.60
N LYS A 274 -21.93 14.79 12.00
CA LYS A 274 -20.83 14.38 11.16
C LYS A 274 -21.13 14.64 9.69
N LEU A 275 -22.21 15.42 9.42
CA LEU A 275 -22.67 15.77 8.08
C LEU A 275 -22.19 17.17 7.69
N LYS A 276 -21.28 17.72 8.51
CA LYS A 276 -20.85 19.11 8.48
C LYS A 276 -20.33 19.53 7.10
N GLU A 277 -19.43 18.73 6.53
CA GLU A 277 -18.72 19.08 5.30
C GLU A 277 -19.18 18.18 4.15
N CYS A 278 -19.90 17.10 4.48
CA CYS A 278 -20.59 16.26 3.51
C CYS A 278 -21.52 17.13 2.68
N CYS A 279 -22.20 18.09 3.35
CA CYS A 279 -23.17 18.99 2.74
C CYS A 279 -22.47 20.22 2.14
N GLU A 280 -21.13 20.20 2.13
CA GLU A 280 -20.30 21.20 1.47
C GLU A 280 -20.04 20.82 0.02
N LYS A 281 -20.02 19.51 -0.23
CA LYS A 281 -19.68 18.90 -1.52
C LYS A 281 -20.82 19.10 -2.51
N PRO A 282 -20.57 19.10 -3.84
CA PRO A 282 -21.64 19.31 -4.83
C PRO A 282 -22.79 18.31 -4.70
N LEU A 283 -23.70 18.33 -5.68
CA LEU A 283 -24.97 17.62 -5.63
C LEU A 283 -24.75 16.11 -5.44
N LEU A 284 -24.01 15.48 -6.37
CA LEU A 284 -23.72 14.05 -6.32
C LEU A 284 -22.89 13.70 -5.09
N GLU A 285 -21.85 14.51 -4.82
CA GLU A 285 -20.88 14.29 -3.74
C GLU A 285 -21.55 14.33 -2.37
N LYS A 286 -22.78 14.87 -2.32
CA LYS A 286 -23.58 14.94 -1.11
C LYS A 286 -24.07 13.56 -0.71
N SER A 287 -24.79 12.92 -1.64
CA SER A 287 -25.44 11.63 -1.42
C SER A 287 -24.42 10.58 -1.01
N HIS A 288 -23.27 10.57 -1.69
CA HIS A 288 -22.19 9.60 -1.46
C HIS A 288 -21.65 9.70 -0.04
N CYS A 289 -21.46 10.95 0.42
CA CYS A 289 -20.85 11.26 1.71
C CYS A 289 -21.75 10.79 2.87
N ILE A 290 -23.05 11.11 2.76
CA ILE A 290 -24.04 10.77 3.78
C ILE A 290 -24.15 9.25 3.90
N ALA A 291 -24.02 8.55 2.76
CA ALA A 291 -24.13 7.10 2.67
C ALA A 291 -23.02 6.43 3.46
N GLU A 292 -21.83 7.06 3.52
CA GLU A 292 -20.64 6.46 4.11
C GLU A 292 -20.28 7.14 5.42
N VAL A 293 -20.95 8.27 5.73
CA VAL A 293 -20.69 9.09 6.93
C VAL A 293 -20.42 8.25 8.17
N GLU A 294 -19.46 8.71 8.99
CA GLU A 294 -19.12 8.03 10.24
C GLU A 294 -20.30 8.05 11.23
N ASN A 295 -20.27 7.06 12.14
CA ASN A 295 -21.22 6.92 13.23
C ASN A 295 -21.01 8.08 14.23
N ASP A 296 -22.11 8.80 14.52
CA ASP A 296 -22.12 9.91 15.47
C ASP A 296 -21.96 9.37 16.89
N GLU A 297 -21.27 10.14 17.78
CA GLU A 297 -21.11 9.76 19.18
C GLU A 297 -22.47 9.66 19.87
N MET A 298 -22.69 8.54 20.56
CA MET A 298 -23.95 8.27 21.24
C MET A 298 -24.12 9.24 22.41
N PRO A 299 -25.35 9.76 22.67
CA PRO A 299 -25.58 10.66 23.79
C PRO A 299 -25.19 9.98 25.10
N ALA A 300 -24.58 10.74 26.02
CA ALA A 300 -24.30 10.29 27.38
C ALA A 300 -25.60 10.21 28.19
N ASP A 301 -25.53 9.60 29.38
CA ASP A 301 -26.66 9.56 30.30
C ASP A 301 -27.90 9.01 29.61
N LEU A 302 -27.76 7.79 29.05
CA LEU A 302 -28.87 7.08 28.43
C LEU A 302 -29.25 5.88 29.29
N PRO A 303 -30.56 5.63 29.51
CA PRO A 303 -31.02 4.44 30.23
C PRO A 303 -30.75 3.16 29.44
N SER A 304 -31.15 1.99 29.99
CA SER A 304 -30.97 0.70 29.35
C SER A 304 -32.31 0.06 29.02
N LEU A 305 -33.27 0.14 29.96
CA LEU A 305 -34.51 -0.64 29.89
C LEU A 305 -35.56 0.02 30.79
N ALA A 306 -36.62 -0.73 31.12
CA ALA A 306 -37.79 -0.18 31.80
C ALA A 306 -38.89 0.16 30.76
N VAL A 310 -35.97 -5.08 35.41
CA VAL A 310 -36.61 -3.73 35.52
C VAL A 310 -37.80 -3.63 34.54
N GLU A 311 -38.37 -4.78 34.13
CA GLU A 311 -39.32 -4.83 33.03
C GLU A 311 -40.62 -4.12 33.43
N SER A 312 -41.15 -3.29 32.50
CA SER A 312 -42.42 -2.60 32.62
C SER A 312 -43.56 -3.62 32.63
N LYS A 313 -44.69 -3.22 33.25
CA LYS A 313 -45.88 -4.06 33.40
C LYS A 313 -46.78 -3.84 32.18
N ASP A 314 -46.72 -2.62 31.60
CA ASP A 314 -47.50 -2.23 30.44
C ASP A 314 -46.77 -2.58 29.12
N VAL A 315 -45.96 -3.66 29.17
CA VAL A 315 -45.16 -4.10 28.03
C VAL A 315 -46.07 -4.65 26.93
N CYS A 316 -47.06 -5.47 27.32
CA CYS A 316 -47.94 -6.11 26.34
C CYS A 316 -49.05 -5.14 25.90
N LYS A 317 -49.29 -4.06 26.67
CA LYS A 317 -50.30 -3.05 26.38
C LYS A 317 -49.81 -2.15 25.25
N ASN A 318 -48.49 -1.94 25.18
CA ASN A 318 -47.83 -1.08 24.21
C ASN A 318 -47.35 -1.88 22.99
N TYR A 319 -47.11 -3.18 23.20
CA TYR A 319 -46.67 -4.11 22.17
C TYR A 319 -47.86 -4.55 21.30
N ALA A 320 -49.09 -4.37 21.81
CA ALA A 320 -50.32 -4.70 21.10
C ALA A 320 -50.93 -3.43 20.49
N GLU A 321 -50.66 -2.26 21.10
CA GLU A 321 -51.17 -0.98 20.64
C GLU A 321 -50.39 -0.48 19.43
N ALA A 322 -49.10 -0.87 19.32
CA ALA A 322 -48.20 -0.54 18.22
C ALA A 322 -47.04 -1.54 18.23
N LYS A 323 -47.23 -2.71 17.60
CA LYS A 323 -46.28 -3.81 17.60
C LYS A 323 -44.97 -3.42 16.91
N ASP A 324 -45.07 -3.15 15.60
CA ASP A 324 -43.94 -2.83 14.75
C ASP A 324 -43.24 -1.56 15.25
N VAL A 325 -44.05 -0.56 15.68
CA VAL A 325 -43.55 0.70 16.21
C VAL A 325 -42.75 0.46 17.49
N PHE A 326 -43.18 -0.53 18.28
CA PHE A 326 -42.52 -0.94 19.51
C PHE A 326 -41.22 -1.66 19.18
N LEU A 327 -41.32 -2.75 18.40
CA LEU A 327 -40.18 -3.53 17.96
C LEU A 327 -39.17 -2.65 17.21
N GLY A 328 -39.67 -1.77 16.34
CA GLY A 328 -38.86 -0.77 15.66
C GLY A 328 -38.12 0.13 16.64
N MET A 329 -38.85 0.64 17.65
CA MET A 329 -38.29 1.50 18.69
C MET A 329 -37.30 0.73 19.55
N PHE A 330 -37.60 -0.56 19.80
CA PHE A 330 -36.67 -1.46 20.47
C PHE A 330 -35.37 -1.52 19.69
N LEU A 331 -35.51 -1.82 18.38
CA LEU A 331 -34.39 -1.94 17.47
C LEU A 331 -33.58 -0.64 17.45
N TYR A 332 -34.30 0.49 17.39
CA TYR A 332 -33.73 1.85 17.40
C TYR A 332 -32.87 2.08 18.64
N GLU A 333 -33.45 1.79 19.82
CA GLU A 333 -32.87 2.06 21.12
C GLU A 333 -31.63 1.20 21.35
N TYR A 334 -31.70 -0.07 20.90
CA TYR A 334 -30.64 -1.04 21.13
C TYR A 334 -29.46 -0.80 20.18
N ALA A 335 -29.76 -0.51 18.91
CA ALA A 335 -28.77 -0.33 17.86
C ALA A 335 -27.99 0.97 18.08
N ARG A 336 -28.69 2.05 18.46
CA ARG A 336 -28.09 3.36 18.69
C ARG A 336 -27.00 3.29 19.76
N ARG A 337 -27.09 2.29 20.66
CA ARG A 337 -26.23 2.13 21.83
C ARG A 337 -25.00 1.27 21.52
N HIS A 338 -25.14 0.37 20.52
CA HIS A 338 -24.13 -0.62 20.18
C HIS A 338 -23.63 -0.41 18.75
N PRO A 339 -22.68 0.53 18.53
CA PRO A 339 -22.00 0.67 17.26
C PRO A 339 -21.10 -0.51 16.90
N ASP A 340 -20.78 -1.34 17.91
CA ASP A 340 -19.85 -2.45 17.76
C ASP A 340 -20.57 -3.74 17.34
N TYR A 341 -21.88 -3.81 17.62
CA TYR A 341 -22.74 -4.92 17.22
C TYR A 341 -23.10 -4.78 15.74
N SER A 342 -22.92 -5.88 14.98
CA SER A 342 -23.24 -5.94 13.57
C SER A 342 -24.75 -5.91 13.40
N VAL A 343 -25.23 -5.49 12.23
CA VAL A 343 -26.66 -5.36 11.95
C VAL A 343 -27.33 -6.74 12.00
N VAL A 344 -26.56 -7.78 11.62
CA VAL A 344 -27.04 -9.16 11.57
C VAL A 344 -27.32 -9.67 12.98
N LEU A 345 -26.38 -9.41 13.90
CA LEU A 345 -26.50 -9.74 15.32
C LEU A 345 -27.71 -9.03 15.92
N LEU A 346 -27.84 -7.73 15.60
CA LEU A 346 -28.88 -6.87 16.12
C LEU A 346 -30.26 -7.40 15.73
N LEU A 347 -30.42 -7.81 14.47
CA LEU A 347 -31.69 -8.31 13.96
C LEU A 347 -32.05 -9.65 14.62
N ARG A 348 -31.03 -10.43 15.00
CA ARG A 348 -31.19 -11.63 15.79
C ARG A 348 -31.78 -11.27 17.16
N LEU A 349 -31.18 -10.26 17.81
CA LEU A 349 -31.58 -9.77 19.13
C LEU A 349 -33.01 -9.23 19.10
N ALA A 350 -33.36 -8.55 18.00
CA ALA A 350 -34.68 -7.99 17.77
C ALA A 350 -35.71 -9.09 17.52
N LYS A 351 -35.28 -10.19 16.89
CA LYS A 351 -36.15 -11.32 16.56
C LYS A 351 -36.30 -12.27 17.76
N THR A 352 -35.29 -12.35 18.63
CA THR A 352 -35.30 -13.16 19.84
C THR A 352 -36.22 -12.54 20.90
N TYR A 353 -36.32 -11.20 20.87
CA TYR A 353 -37.12 -10.43 21.81
C TYR A 353 -38.59 -10.41 21.39
N GLU A 354 -38.84 -10.47 20.07
CA GLU A 354 -40.19 -10.43 19.49
C GLU A 354 -40.93 -11.74 19.79
N THR A 355 -40.25 -12.89 19.57
CA THR A 355 -40.85 -14.19 19.79
C THR A 355 -41.07 -14.44 21.28
N THR A 356 -40.20 -13.86 22.12
CA THR A 356 -40.31 -13.93 23.57
C THR A 356 -41.53 -13.12 24.05
N LEU A 357 -41.89 -12.09 23.26
CA LEU A 357 -42.98 -11.18 23.56
C LEU A 357 -44.29 -11.65 22.91
N GLU A 358 -44.24 -12.75 22.13
CA GLU A 358 -45.38 -13.33 21.43
C GLU A 358 -45.99 -14.47 22.25
N LYS A 359 -45.11 -15.28 22.86
CA LYS A 359 -45.50 -16.46 23.64
C LYS A 359 -45.96 -16.03 25.03
N CYS A 360 -45.17 -15.13 25.63
CA CYS A 360 -45.32 -14.69 27.01
C CYS A 360 -46.59 -13.85 27.17
N CYS A 361 -46.79 -12.90 26.23
CA CYS A 361 -48.02 -12.11 26.20
C CYS A 361 -49.13 -13.02 25.65
N ASP A 365 -48.90 -15.18 33.21
CA ASP A 365 -48.20 -14.01 33.79
C ASP A 365 -47.11 -13.54 32.83
N PRO A 366 -47.31 -12.42 32.12
CA PRO A 366 -46.32 -11.91 31.18
C PRO A 366 -45.01 -11.44 31.80
N HIS A 367 -45.08 -10.64 32.88
CA HIS A 367 -43.92 -10.01 33.50
C HIS A 367 -42.86 -11.05 33.89
N GLU A 368 -43.31 -12.12 34.56
CA GLU A 368 -42.41 -13.15 35.07
C GLU A 368 -41.95 -14.07 33.93
N CYS A 369 -42.48 -13.81 32.73
CA CYS A 369 -42.22 -14.62 31.53
C CYS A 369 -41.11 -14.01 30.67
N TYR A 370 -41.18 -12.68 30.48
CA TYR A 370 -40.25 -11.91 29.68
C TYR A 370 -39.25 -11.14 30.55
N ALA A 371 -38.86 -11.71 31.70
CA ALA A 371 -37.93 -11.06 32.62
C ALA A 371 -36.47 -11.38 32.26
N LYS A 372 -36.27 -12.60 31.73
CA LYS A 372 -34.99 -13.22 31.44
C LYS A 372 -34.70 -13.24 29.93
N VAL A 373 -35.44 -12.45 29.15
CA VAL A 373 -35.32 -12.31 27.70
C VAL A 373 -33.92 -11.77 27.36
N PHE A 374 -33.45 -10.75 28.09
CA PHE A 374 -32.18 -10.11 27.76
C PHE A 374 -31.01 -10.99 28.17
N ASP A 375 -31.32 -12.02 28.96
CA ASP A 375 -30.33 -13.02 29.38
C ASP A 375 -30.06 -14.03 28.25
N GLU A 376 -31.04 -14.19 27.34
CA GLU A 376 -30.90 -15.00 26.15
C GLU A 376 -29.91 -14.30 25.20
N PRO A 379 -25.52 -14.94 24.36
CA PRO A 379 -25.07 -16.10 23.56
C PRO A 379 -25.08 -15.84 22.05
N LEU A 380 -26.10 -15.10 21.59
CA LEU A 380 -26.18 -14.64 20.20
C LEU A 380 -25.04 -13.69 19.85
N VAL A 381 -24.46 -13.07 20.89
CA VAL A 381 -23.40 -12.07 20.79
C VAL A 381 -22.03 -12.74 20.88
N GLU A 382 -21.92 -13.84 21.64
CA GLU A 382 -20.67 -14.56 21.89
C GLU A 382 -20.20 -15.29 20.64
N GLU A 383 -21.12 -15.52 19.69
CA GLU A 383 -20.88 -16.31 18.49
C GLU A 383 -20.04 -15.53 17.48
N PRO A 384 -20.50 -14.33 17.04
CA PRO A 384 -19.71 -13.48 16.16
C PRO A 384 -18.37 -13.04 16.74
N GLN A 385 -18.34 -12.77 18.06
CA GLN A 385 -17.13 -12.33 18.75
C GLN A 385 -16.03 -13.38 18.58
N ASN A 386 -16.32 -14.60 19.08
CA ASN A 386 -15.40 -15.74 19.01
C ASN A 386 -15.08 -16.11 17.55
N LEU A 387 -16.01 -15.76 16.64
CA LEU A 387 -15.86 -15.95 15.21
C LEU A 387 -14.73 -15.08 14.65
N ILE A 388 -14.78 -13.76 14.93
CA ILE A 388 -13.86 -12.75 14.40
C ILE A 388 -12.47 -12.94 15.01
N LYS A 389 -12.44 -13.18 16.33
CA LYS A 389 -11.19 -13.29 17.07
C LYS A 389 -10.43 -14.52 16.58
N GLN A 390 -11.13 -15.65 16.45
CA GLN A 390 -10.53 -16.95 16.17
C GLN A 390 -10.00 -17.00 14.73
N ASN A 391 -10.77 -16.42 13.79
CA ASN A 391 -10.47 -16.49 12.37
C ASN A 391 -9.34 -15.53 11.98
N CYS A 392 -9.34 -14.29 12.51
CA CYS A 392 -8.28 -13.32 12.27
C CYS A 392 -6.94 -13.86 12.77
N GLU A 393 -6.98 -14.75 13.78
CA GLU A 393 -5.83 -15.48 14.29
C GLU A 393 -5.26 -16.35 13.16
N LEU A 394 -6.13 -17.20 12.57
CA LEU A 394 -5.78 -18.11 11.49
C LEU A 394 -5.35 -17.35 10.23
N PHE A 395 -5.98 -16.20 9.95
CA PHE A 395 -5.66 -15.36 8.79
C PHE A 395 -4.25 -14.76 8.92
N GLU A 396 -3.86 -14.44 10.16
CA GLU A 396 -2.52 -13.94 10.46
C GLU A 396 -1.49 -15.07 10.27
N GLN A 397 -1.92 -16.32 10.53
CA GLN A 397 -1.11 -17.52 10.39
C GLN A 397 -0.83 -17.85 8.92
N LEU A 398 -1.88 -17.80 8.06
CA LEU A 398 -1.81 -18.27 6.67
C LEU A 398 -1.46 -17.13 5.71
N GLY A 399 -2.19 -16.00 5.82
CA GLY A 399 -2.07 -14.91 4.86
C GLY A 399 -3.16 -15.01 3.79
N GLU A 400 -3.41 -13.92 3.04
CA GLU A 400 -4.57 -13.80 2.16
C GLU A 400 -4.63 -14.94 1.14
N TYR A 401 -3.52 -15.19 0.43
CA TYR A 401 -3.47 -16.17 -0.66
C TYR A 401 -3.48 -17.60 -0.12
N LYS A 402 -2.91 -17.82 1.07
CA LYS A 402 -2.89 -19.12 1.72
C LYS A 402 -4.25 -19.40 2.37
N PHE A 403 -4.88 -18.37 2.96
CA PHE A 403 -6.20 -18.47 3.57
C PHE A 403 -7.28 -18.69 2.50
N GLN A 404 -7.16 -17.95 1.39
CA GLN A 404 -8.01 -18.11 0.22
C GLN A 404 -7.95 -19.55 -0.26
N ASN A 405 -6.73 -20.08 -0.37
CA ASN A 405 -6.43 -21.43 -0.81
C ASN A 405 -6.96 -22.44 0.20
N ALA A 406 -6.83 -22.10 1.48
CA ALA A 406 -7.31 -22.92 2.58
C ALA A 406 -8.83 -23.05 2.52
N LEU A 407 -9.48 -22.00 2.01
CA LEU A 407 -10.93 -21.90 1.96
C LEU A 407 -11.47 -22.46 0.66
N LEU A 408 -10.71 -22.29 -0.43
CA LEU A 408 -11.08 -22.83 -1.74
C LEU A 408 -11.31 -24.34 -1.69
N VAL A 409 -10.56 -25.05 -0.83
CA VAL A 409 -10.62 -26.50 -0.69
C VAL A 409 -11.78 -26.89 0.24
N ARG A 410 -11.87 -26.24 1.40
CA ARG A 410 -12.86 -26.56 2.42
C ARG A 410 -14.29 -26.20 1.96
N TYR A 411 -14.41 -25.40 0.89
CA TYR A 411 -15.68 -24.96 0.35
C TYR A 411 -16.08 -25.75 -0.90
N THR A 412 -15.09 -26.13 -1.73
CA THR A 412 -15.31 -27.06 -2.83
C THR A 412 -15.67 -28.44 -2.27
N LYS A 413 -15.07 -28.78 -1.11
CA LYS A 413 -15.37 -29.97 -0.36
C LYS A 413 -16.88 -30.04 -0.04
N LYS A 414 -17.41 -28.93 0.49
CA LYS A 414 -18.80 -28.80 0.92
C LYS A 414 -19.76 -28.98 -0.25
N VAL A 415 -19.53 -28.23 -1.33
CA VAL A 415 -20.36 -28.28 -2.53
C VAL A 415 -19.46 -28.32 -3.77
N PRO A 416 -18.96 -29.52 -4.18
CA PRO A 416 -18.15 -29.64 -5.38
C PRO A 416 -18.92 -29.28 -6.65
N GLN A 417 -20.26 -29.41 -6.61
CA GLN A 417 -21.12 -29.18 -7.76
C GLN A 417 -21.07 -27.72 -8.22
N VAL A 418 -20.79 -26.79 -7.29
CA VAL A 418 -20.68 -25.37 -7.60
C VAL A 418 -19.62 -25.21 -8.69
N SER A 419 -19.95 -24.45 -9.75
CA SER A 419 -19.05 -24.20 -10.86
C SER A 419 -17.77 -23.55 -10.33
N THR A 420 -16.62 -23.90 -10.93
CA THR A 420 -15.31 -23.48 -10.45
C THR A 420 -15.22 -21.95 -10.42
N PRO A 421 -15.68 -21.22 -11.45
CA PRO A 421 -15.61 -19.75 -11.40
C PRO A 421 -16.24 -19.18 -10.15
N THR A 422 -17.44 -19.66 -9.80
CA THR A 422 -18.20 -19.19 -8.65
C THR A 422 -17.47 -19.52 -7.36
N LEU A 423 -16.85 -20.71 -7.29
CA LEU A 423 -16.08 -21.16 -6.14
C LEU A 423 -14.87 -20.25 -5.91
N VAL A 424 -14.24 -19.82 -7.02
CA VAL A 424 -13.00 -19.05 -6.99
C VAL A 424 -13.29 -17.66 -6.44
N GLU A 425 -14.10 -16.87 -7.17
CA GLU A 425 -14.39 -15.47 -6.85
C GLU A 425 -14.96 -15.37 -5.44
N VAL A 426 -15.92 -16.24 -5.12
CA VAL A 426 -16.59 -16.26 -3.83
C VAL A 426 -15.56 -16.49 -2.74
N SER A 427 -14.76 -17.55 -2.88
CA SER A 427 -13.72 -17.92 -1.93
C SER A 427 -12.61 -16.86 -1.87
N ARG A 428 -12.29 -16.25 -3.01
CA ARG A 428 -11.33 -15.16 -3.10
C ARG A 428 -11.80 -14.03 -2.20
N ASN A 429 -13.04 -13.54 -2.45
CA ASN A 429 -13.62 -12.38 -1.80
C ASN A 429 -13.90 -12.65 -0.33
N LEU A 430 -14.05 -13.92 0.05
CA LEU A 430 -14.32 -14.32 1.42
C LEU A 430 -13.06 -14.16 2.27
N GLY A 431 -11.91 -14.58 1.71
CA GLY A 431 -10.62 -14.47 2.34
C GLY A 431 -10.23 -13.01 2.55
N LYS A 432 -10.67 -12.13 1.63
CA LYS A 432 -10.33 -10.71 1.60
C LYS A 432 -10.96 -9.97 2.77
N VAL A 433 -11.81 -10.66 3.55
CA VAL A 433 -12.36 -10.20 4.82
C VAL A 433 -11.20 -10.01 5.80
N GLY A 434 -10.26 -10.95 5.79
CA GLY A 434 -9.12 -10.97 6.71
C GLY A 434 -8.19 -9.77 6.51
N SER A 435 -8.20 -9.19 5.31
CA SER A 435 -7.39 -8.03 4.97
C SER A 435 -8.08 -6.71 5.34
N LYS A 436 -9.42 -6.70 5.26
CA LYS A 436 -10.21 -5.48 5.39
C LYS A 436 -10.46 -5.13 6.85
N CYS A 437 -10.94 -6.12 7.63
CA CYS A 437 -11.54 -5.91 8.94
C CYS A 437 -10.66 -6.37 10.10
N CYS A 438 -9.66 -7.25 9.87
CA CYS A 438 -8.74 -7.70 10.90
C CYS A 438 -7.78 -6.59 11.31
N LYS A 439 -7.85 -5.43 10.63
CA LYS A 439 -7.05 -4.24 10.90
C LYS A 439 -7.66 -3.41 12.05
N HIS A 440 -8.99 -3.25 12.01
CA HIS A 440 -9.74 -2.43 12.96
C HIS A 440 -9.55 -2.91 14.40
N PRO A 441 -9.85 -2.05 15.41
CA PRO A 441 -9.86 -2.48 16.81
C PRO A 441 -10.95 -3.54 17.00
N GLU A 442 -11.06 -4.08 18.23
CA GLU A 442 -12.07 -5.07 18.62
C GLU A 442 -13.49 -4.59 18.30
N ALA A 443 -13.67 -3.27 18.35
CA ALA A 443 -14.98 -2.64 18.37
C ALA A 443 -15.49 -2.41 16.96
N LYS A 444 -14.58 -2.23 15.98
CA LYS A 444 -14.94 -1.90 14.60
C LYS A 444 -14.85 -3.12 13.67
N ARG A 445 -14.71 -4.32 14.24
CA ARG A 445 -14.53 -5.54 13.48
C ARG A 445 -15.87 -6.09 12.99
N MET A 446 -16.83 -6.30 13.91
CA MET A 446 -18.12 -6.92 13.62
C MET A 446 -18.96 -6.09 12.65
N PRO A 447 -19.03 -4.73 12.79
CA PRO A 447 -19.71 -3.90 11.81
C PRO A 447 -19.04 -3.93 10.43
N CYS A 448 -17.76 -4.32 10.40
CA CYS A 448 -16.97 -4.43 9.18
C CYS A 448 -17.14 -5.81 8.56
N ALA A 449 -16.74 -6.85 9.31
CA ALA A 449 -16.72 -8.23 8.87
C ALA A 449 -18.12 -8.76 8.55
N GLU A 450 -18.98 -8.85 9.57
CA GLU A 450 -20.30 -9.48 9.46
C GLU A 450 -21.11 -8.89 8.32
N ASP A 451 -20.95 -7.58 8.11
CA ASP A 451 -21.69 -6.83 7.11
C ASP A 451 -21.17 -7.14 5.71
N TYR A 452 -19.83 -7.17 5.60
CA TYR A 452 -19.11 -7.46 4.36
C TYR A 452 -19.28 -8.93 3.96
N LEU A 453 -19.44 -9.81 4.95
CA LEU A 453 -19.59 -11.23 4.72
C LEU A 453 -20.89 -11.49 3.97
N SER A 454 -22.00 -10.94 4.49
CA SER A 454 -23.32 -11.14 3.93
C SER A 454 -23.45 -10.56 2.52
N VAL A 455 -22.55 -9.62 2.20
CA VAL A 455 -22.44 -9.03 0.86
C VAL A 455 -21.89 -10.06 -0.12
N VAL A 456 -20.78 -10.70 0.27
CA VAL A 456 -20.11 -11.73 -0.51
C VAL A 456 -20.98 -12.98 -0.55
N LEU A 457 -21.65 -13.30 0.57
CA LEU A 457 -22.54 -14.44 0.70
C LEU A 457 -23.74 -14.29 -0.24
N ASN A 458 -24.17 -13.05 -0.45
CA ASN A 458 -25.25 -12.75 -1.38
C ASN A 458 -24.78 -12.88 -2.84
N GLN A 459 -23.46 -12.70 -3.06
CA GLN A 459 -22.84 -12.88 -4.37
C GLN A 459 -22.98 -14.34 -4.79
N LEU A 460 -22.61 -15.25 -3.89
CA LEU A 460 -22.74 -16.69 -4.12
C LEU A 460 -24.21 -17.02 -4.42
N CYS A 461 -25.10 -16.58 -3.52
CA CYS A 461 -26.52 -16.85 -3.61
C CYS A 461 -27.08 -16.41 -4.97
N VAL A 462 -26.71 -15.22 -5.47
CA VAL A 462 -27.21 -14.67 -6.72
C VAL A 462 -26.63 -15.39 -7.92
N LEU A 463 -25.34 -15.75 -7.85
CA LEU A 463 -24.65 -16.53 -8.88
C LEU A 463 -25.24 -17.93 -8.94
N HIS A 464 -25.43 -18.54 -7.76
CA HIS A 464 -26.00 -19.88 -7.62
C HIS A 464 -27.45 -19.91 -8.13
N GLU A 465 -28.23 -18.89 -7.76
CA GLU A 465 -29.63 -18.79 -8.11
C GLU A 465 -29.77 -18.75 -9.63
N LYS A 466 -28.74 -18.23 -10.32
CA LYS A 466 -28.69 -18.15 -11.78
C LYS A 466 -28.59 -19.56 -12.37
N THR A 467 -27.57 -20.32 -11.94
CA THR A 467 -27.34 -21.71 -12.35
C THR A 467 -27.22 -22.60 -11.10
N PRO A 468 -28.37 -23.03 -10.53
CA PRO A 468 -28.37 -23.83 -9.29
C PRO A 468 -28.07 -25.30 -9.56
N VAL A 469 -27.32 -25.93 -8.64
CA VAL A 469 -26.87 -27.32 -8.74
C VAL A 469 -26.73 -27.95 -7.35
N SER A 470 -27.14 -27.21 -6.30
CA SER A 470 -27.05 -27.67 -4.91
C SER A 470 -28.16 -27.06 -4.06
N ASP A 471 -28.78 -27.90 -3.23
CA ASP A 471 -29.87 -27.56 -2.31
C ASP A 471 -29.34 -26.92 -1.03
N ARG A 472 -28.20 -27.45 -0.58
CA ARG A 472 -27.51 -26.98 0.61
C ARG A 472 -27.24 -25.47 0.54
N VAL A 473 -26.70 -25.00 -0.59
CA VAL A 473 -26.43 -23.59 -0.86
C VAL A 473 -27.73 -22.78 -0.89
N THR A 474 -28.73 -23.32 -1.59
CA THR A 474 -30.01 -22.66 -1.79
C THR A 474 -30.79 -22.65 -0.47
N LYS A 475 -30.59 -23.70 0.34
CA LYS A 475 -31.25 -23.83 1.63
C LYS A 475 -30.97 -22.60 2.48
N CYS A 476 -29.70 -22.17 2.51
CA CYS A 476 -29.21 -21.04 3.28
C CYS A 476 -29.70 -19.70 2.69
N CYS A 477 -29.84 -19.63 1.37
CA CYS A 477 -30.15 -18.40 0.64
C CYS A 477 -31.64 -18.03 0.78
N THR A 478 -32.50 -19.05 0.70
CA THR A 478 -33.94 -18.90 0.83
C THR A 478 -34.32 -18.69 2.30
N GLU A 479 -33.53 -19.30 3.22
CA GLU A 479 -33.67 -19.15 4.66
C GLU A 479 -33.47 -17.68 5.06
N SER A 480 -33.43 -17.39 6.36
CA SER A 480 -33.29 -16.02 6.86
C SER A 480 -31.95 -15.44 6.40
N LEU A 481 -31.99 -14.23 5.84
CA LEU A 481 -30.80 -13.52 5.36
C LEU A 481 -29.73 -13.41 6.45
N VAL A 482 -30.20 -13.28 7.71
CA VAL A 482 -29.39 -13.15 8.90
C VAL A 482 -28.69 -14.46 9.20
N ASN A 483 -29.37 -15.58 8.91
CA ASN A 483 -28.90 -16.93 9.26
C ASN A 483 -28.06 -17.55 8.15
N ARG A 484 -27.77 -16.77 7.08
CA ARG A 484 -27.05 -17.28 5.92
C ARG A 484 -25.69 -17.84 6.35
N ARG A 485 -24.89 -17.03 7.08
CA ARG A 485 -23.53 -17.37 7.47
C ARG A 485 -23.51 -18.66 8.31
N PRO A 486 -24.25 -18.70 9.45
CA PRO A 486 -24.31 -19.90 10.28
C PRO A 486 -24.71 -21.16 9.50
N CYS A 487 -25.66 -21.01 8.56
CA CYS A 487 -26.23 -22.10 7.78
C CYS A 487 -25.18 -22.69 6.83
N PHE A 488 -24.40 -21.81 6.17
CA PHE A 488 -23.37 -22.16 5.20
C PHE A 488 -22.20 -22.87 5.87
N SER A 489 -21.90 -22.49 7.12
CA SER A 489 -20.76 -23.02 7.87
C SER A 489 -21.02 -24.45 8.36
N ALA A 490 -22.27 -24.92 8.24
CA ALA A 490 -22.69 -26.21 8.77
C ALA A 490 -23.49 -27.01 7.71
N LEU A 491 -23.01 -26.97 6.46
CA LEU A 491 -23.58 -27.72 5.35
C LEU A 491 -22.95 -29.11 5.22
N GLU A 492 -21.96 -29.40 6.08
CA GLU A 492 -21.21 -30.65 6.05
C GLU A 492 -20.46 -30.79 4.74
N VAL A 493 -19.88 -31.98 4.50
CA VAL A 493 -19.10 -32.28 3.30
C VAL A 493 -19.90 -33.23 2.38
N ASP A 494 -19.93 -32.93 1.06
CA ASP A 494 -20.74 -33.66 0.10
C ASP A 494 -20.17 -35.06 -0.13
N GLU A 495 -20.89 -36.08 0.36
CA GLU A 495 -20.49 -37.48 0.30
C GLU A 495 -21.03 -38.14 -0.98
N THR A 496 -22.23 -37.70 -1.42
CA THR A 496 -22.92 -38.26 -2.58
C THR A 496 -22.28 -37.78 -3.88
N TYR A 497 -21.17 -37.04 -3.76
CA TYR A 497 -20.36 -36.63 -4.89
C TYR A 497 -19.44 -37.79 -5.27
N VAL A 498 -20.07 -38.89 -5.71
CA VAL A 498 -19.41 -40.10 -6.17
C VAL A 498 -18.74 -39.79 -7.51
N PRO A 499 -19.46 -39.28 -8.54
CA PRO A 499 -18.83 -38.98 -9.82
C PRO A 499 -17.84 -37.81 -9.68
N LYS A 500 -16.57 -38.05 -10.04
CA LYS A 500 -15.51 -37.04 -9.97
C LYS A 500 -14.66 -37.11 -11.25
N GLU A 501 -15.25 -36.79 -12.40
CA GLU A 501 -14.65 -37.12 -13.69
C GLU A 501 -13.34 -36.33 -13.86
N PHE A 502 -12.39 -36.89 -14.64
CA PHE A 502 -11.09 -36.29 -14.88
C PHE A 502 -11.19 -35.13 -15.86
N ASN A 503 -10.15 -34.29 -15.88
CA ASN A 503 -10.04 -33.11 -16.73
C ASN A 503 -8.63 -33.04 -17.34
N ALA A 504 -8.52 -33.29 -18.65
CA ALA A 504 -7.24 -33.38 -19.36
C ALA A 504 -6.73 -32.02 -19.86
N GLU A 505 -7.60 -31.24 -20.52
CA GLU A 505 -7.25 -30.02 -21.25
C GLU A 505 -7.00 -28.82 -20.33
N THR A 506 -7.65 -28.77 -19.16
CA THR A 506 -7.68 -27.60 -18.30
C THR A 506 -6.32 -27.38 -17.63
N PHE A 507 -5.77 -28.45 -17.05
CA PHE A 507 -4.46 -28.47 -16.40
C PHE A 507 -3.36 -27.95 -17.32
N THR A 508 -3.44 -28.29 -18.61
CA THR A 508 -2.53 -27.85 -19.65
C THR A 508 -2.57 -26.32 -19.76
N PHE A 509 -1.48 -25.69 -19.25
CA PHE A 509 -1.26 -24.26 -19.16
C PHE A 509 -0.69 -23.70 -20.48
N ASP A 512 1.18 -18.06 -22.80
CA ASP A 512 0.06 -17.08 -22.89
C ASP A 512 -0.31 -16.57 -21.48
N ILE A 513 -0.04 -17.43 -20.50
CA ILE A 513 -0.33 -17.25 -19.08
C ILE A 513 0.72 -16.31 -18.46
N CYS A 514 1.74 -15.94 -19.26
CA CYS A 514 2.93 -15.21 -18.84
C CYS A 514 2.86 -13.75 -19.32
N THR A 515 1.85 -13.45 -20.15
CA THR A 515 1.58 -12.08 -20.58
C THR A 515 0.58 -11.40 -19.64
N LEU A 516 -0.14 -12.21 -18.85
CA LEU A 516 -1.14 -11.77 -17.87
C LEU A 516 -0.46 -11.28 -16.60
N SER A 517 -1.13 -10.38 -15.86
CA SER A 517 -0.63 -9.81 -14.62
C SER A 517 -0.49 -10.90 -13.56
N GLU A 518 0.28 -10.63 -12.50
CA GLU A 518 0.56 -11.56 -11.43
C GLU A 518 -0.74 -11.97 -10.73
N LYS A 519 -1.70 -11.03 -10.67
CA LYS A 519 -3.00 -11.26 -10.05
C LYS A 519 -3.77 -12.31 -10.85
N GLU A 520 -3.89 -12.08 -12.17
CA GLU A 520 -4.57 -12.97 -13.10
C GLU A 520 -3.95 -14.37 -13.08
N ARG A 521 -2.61 -14.44 -12.92
CA ARG A 521 -1.85 -15.67 -12.84
C ARG A 521 -2.29 -16.51 -11.65
N GLN A 522 -2.35 -15.90 -10.45
CA GLN A 522 -2.73 -16.57 -9.22
C GLN A 522 -4.17 -17.11 -9.29
N ILE A 523 -5.06 -16.32 -9.93
CA ILE A 523 -6.47 -16.66 -10.07
C ILE A 523 -6.63 -18.00 -10.80
N LYS A 524 -5.88 -18.19 -11.90
CA LYS A 524 -5.83 -19.43 -12.66
C LYS A 524 -5.31 -20.58 -11.80
N LYS A 525 -4.18 -20.34 -11.11
CA LYS A 525 -3.58 -21.31 -10.21
C LYS A 525 -4.57 -21.73 -9.11
N GLN A 526 -5.55 -20.86 -8.83
CA GLN A 526 -6.61 -21.12 -7.86
C GLN A 526 -7.80 -21.82 -8.52
N THR A 527 -7.97 -21.60 -9.83
CA THR A 527 -9.00 -22.28 -10.64
C THR A 527 -8.71 -23.77 -10.67
N ALA A 528 -7.43 -24.13 -10.82
CA ALA A 528 -6.97 -25.51 -10.89
C ALA A 528 -7.07 -26.19 -9.53
N LEU A 529 -6.86 -25.41 -8.46
CA LEU A 529 -6.92 -25.91 -7.09
C LEU A 529 -8.28 -26.56 -6.83
N VAL A 530 -9.35 -25.92 -7.31
CA VAL A 530 -10.74 -26.36 -7.15
C VAL A 530 -10.99 -27.59 -8.02
N GLU A 531 -10.54 -27.52 -9.28
CA GLU A 531 -10.67 -28.60 -10.27
C GLU A 531 -10.02 -29.88 -9.75
N LEU A 532 -8.90 -29.73 -9.02
CA LEU A 532 -8.12 -30.82 -8.45
C LEU A 532 -8.92 -31.55 -7.37
N VAL A 533 -9.71 -30.79 -6.58
CA VAL A 533 -10.51 -31.32 -5.50
C VAL A 533 -11.82 -31.88 -6.07
N LYS A 534 -12.32 -31.26 -7.14
CA LYS A 534 -13.53 -31.70 -7.85
C LYS A 534 -13.30 -33.06 -8.50
N HIS A 535 -12.03 -33.36 -8.83
CA HIS A 535 -11.62 -34.65 -9.40
C HIS A 535 -11.20 -35.63 -8.31
N LYS A 536 -10.63 -35.10 -7.22
CA LYS A 536 -10.13 -35.87 -6.09
C LYS A 536 -10.52 -35.19 -4.77
N PRO A 537 -11.80 -35.32 -4.34
CA PRO A 537 -12.28 -34.69 -3.11
C PRO A 537 -11.51 -35.13 -1.86
N LYS A 538 -11.34 -36.45 -1.70
CA LYS A 538 -10.80 -37.01 -0.47
C LYS A 538 -9.27 -36.86 -0.41
N ALA A 539 -8.70 -36.31 -1.50
CA ALA A 539 -7.26 -36.07 -1.60
C ALA A 539 -6.82 -35.13 -0.47
N THR A 540 -5.85 -35.61 0.34
CA THR A 540 -5.34 -34.93 1.53
C THR A 540 -4.68 -33.61 1.15
N LYS A 541 -4.76 -32.62 2.07
CA LYS A 541 -4.25 -31.28 1.86
C LYS A 541 -2.72 -31.29 1.84
N GLU A 542 -2.13 -32.38 2.33
CA GLU A 542 -0.68 -32.57 2.40
C GLU A 542 -0.13 -32.94 1.02
N GLN A 543 -0.82 -33.85 0.31
CA GLN A 543 -0.50 -34.21 -1.07
C GLN A 543 -1.04 -33.15 -2.03
N LEU A 544 -2.05 -32.39 -1.58
CA LEU A 544 -2.69 -31.33 -2.35
C LEU A 544 -1.77 -30.10 -2.40
N LYS A 545 -1.13 -29.77 -1.27
CA LYS A 545 -0.25 -28.61 -1.10
C LYS A 545 0.99 -28.75 -1.97
N ALA A 546 1.45 -30.00 -2.14
CA ALA A 546 2.62 -30.34 -2.95
C ALA A 546 2.39 -30.00 -4.44
N VAL A 547 1.15 -30.23 -4.90
CA VAL A 547 0.75 -30.04 -6.29
C VAL A 547 0.65 -28.55 -6.60
N MET A 548 0.22 -27.74 -5.62
CA MET A 548 -0.02 -26.31 -5.80
C MET A 548 1.29 -25.52 -5.84
N ASP A 549 2.34 -26.05 -5.18
CA ASP A 549 3.67 -25.46 -5.12
C ASP A 549 4.44 -25.68 -6.43
N ASP A 550 4.45 -26.94 -6.91
CA ASP A 550 5.12 -27.40 -8.12
C ASP A 550 4.50 -26.76 -9.37
N PHE A 551 3.15 -26.70 -9.40
CA PHE A 551 2.44 -26.13 -10.53
C PHE A 551 2.78 -24.65 -10.68
N ALA A 552 3.02 -23.95 -9.56
CA ALA A 552 3.49 -22.57 -9.54
C ALA A 552 4.98 -22.48 -9.90
N ALA A 553 5.75 -23.50 -9.48
CA ALA A 553 7.18 -23.58 -9.72
C ALA A 553 7.49 -23.94 -11.17
N PHE A 554 6.49 -24.53 -11.86
CA PHE A 554 6.57 -24.98 -13.25
C PHE A 554 6.32 -23.82 -14.20
N VAL A 555 5.32 -22.97 -13.87
CA VAL A 555 4.90 -21.83 -14.68
C VAL A 555 5.98 -20.74 -14.68
N GLU A 556 6.59 -20.55 -13.50
CA GLU A 556 7.64 -19.57 -13.27
C GLU A 556 8.93 -20.00 -13.97
N LYS A 557 9.20 -21.31 -13.96
CA LYS A 557 10.42 -21.92 -14.47
C LYS A 557 10.45 -21.93 -15.99
N CYS A 558 9.27 -22.19 -16.61
CA CYS A 558 9.15 -22.46 -18.05
C CYS A 558 8.87 -21.19 -18.85
N CYS A 559 8.80 -20.05 -18.15
CA CYS A 559 8.67 -18.73 -18.78
C CYS A 559 9.89 -17.84 -18.49
N LYS A 560 10.66 -18.20 -17.45
CA LYS A 560 11.96 -17.60 -17.16
C LYS A 560 13.02 -18.22 -18.08
N ALA A 561 12.63 -19.32 -18.76
CA ALA A 561 13.46 -20.05 -19.72
C ALA A 561 12.97 -19.78 -21.14
N ASP A 562 13.82 -20.12 -22.12
CA ASP A 562 13.54 -19.85 -23.53
C ASP A 562 12.70 -20.97 -24.14
N ASP A 563 12.01 -21.74 -23.27
CA ASP A 563 11.08 -22.78 -23.69
C ASP A 563 9.85 -22.14 -24.33
N LYS A 564 9.30 -21.13 -23.63
CA LYS A 564 8.10 -20.44 -24.08
C LYS A 564 6.94 -21.45 -24.09
N GLU A 565 6.28 -21.58 -25.25
CA GLU A 565 5.11 -22.43 -25.44
C GLU A 565 5.53 -23.82 -25.95
N THR A 566 6.17 -24.61 -25.09
CA THR A 566 6.65 -25.95 -25.38
C THR A 566 6.64 -26.79 -24.10
N CYS A 567 7.17 -26.23 -23.01
CA CYS A 567 7.14 -26.82 -21.68
C CYS A 567 5.69 -27.16 -21.29
N LYS B 4 50.59 -13.18 -10.71
CA LYS B 4 51.56 -12.04 -10.73
C LYS B 4 50.85 -10.74 -11.11
N SER B 5 49.92 -10.84 -12.06
CA SER B 5 49.12 -9.71 -12.52
C SER B 5 47.77 -9.66 -11.80
N GLU B 6 47.26 -8.43 -11.59
CA GLU B 6 46.06 -8.15 -10.80
C GLU B 6 44.80 -8.15 -11.68
N VAL B 7 44.83 -7.39 -12.79
CA VAL B 7 43.69 -7.23 -13.68
C VAL B 7 43.20 -8.57 -14.25
N ALA B 8 44.16 -9.47 -14.53
CA ALA B 8 43.91 -10.81 -15.03
C ALA B 8 43.26 -11.69 -13.95
N HIS B 9 43.72 -11.53 -12.70
CA HIS B 9 43.25 -12.30 -11.55
C HIS B 9 41.80 -11.95 -11.25
N ARG B 10 41.47 -10.66 -11.34
CA ARG B 10 40.13 -10.17 -11.03
C ARG B 10 39.18 -10.59 -12.15
N PHE B 11 39.65 -10.51 -13.40
CA PHE B 11 38.89 -10.91 -14.57
C PHE B 11 38.55 -12.41 -14.54
N LYS B 12 39.48 -13.22 -14.00
CA LYS B 12 39.35 -14.66 -13.90
C LYS B 12 38.31 -15.02 -12.83
N ASP B 13 38.41 -14.36 -11.66
CA ASP B 13 37.61 -14.64 -10.46
C ASP B 13 36.17 -14.16 -10.65
N LEU B 14 35.98 -13.06 -11.41
CA LEU B 14 34.74 -12.31 -11.48
C LEU B 14 33.98 -12.63 -12.77
N GLY B 15 34.71 -12.86 -13.85
CA GLY B 15 34.11 -13.04 -15.16
C GLY B 15 33.92 -11.70 -15.88
N GLU B 16 33.87 -11.74 -17.21
CA GLU B 16 33.91 -10.54 -18.04
C GLU B 16 32.65 -9.70 -17.81
N GLU B 17 31.54 -10.39 -17.53
CA GLU B 17 30.19 -9.86 -17.38
C GLU B 17 30.16 -8.83 -16.25
N ASN B 18 30.47 -9.30 -15.03
CA ASN B 18 30.50 -8.51 -13.81
C ASN B 18 31.68 -7.53 -13.87
N PHE B 19 32.84 -7.98 -14.37
CA PHE B 19 34.05 -7.18 -14.50
C PHE B 19 33.77 -5.87 -15.24
N LYS B 20 33.18 -5.95 -16.44
CA LYS B 20 32.91 -4.79 -17.29
C LYS B 20 32.09 -3.78 -16.50
N ALA B 21 31.11 -4.30 -15.75
CA ALA B 21 30.15 -3.50 -14.98
C ALA B 21 30.89 -2.74 -13.88
N LEU B 22 31.55 -3.49 -12.99
CA LEU B 22 32.28 -2.95 -11.85
C LEU B 22 33.24 -1.83 -12.25
N VAL B 23 33.79 -1.92 -13.48
CA VAL B 23 34.73 -0.94 -14.01
C VAL B 23 33.95 0.26 -14.56
N LEU B 24 32.80 0.03 -15.21
CA LEU B 24 31.90 1.09 -15.68
C LEU B 24 31.42 1.93 -14.49
N ILE B 25 30.97 1.23 -13.42
CA ILE B 25 30.50 1.84 -12.18
C ILE B 25 31.59 2.71 -11.57
N ALA B 26 32.84 2.17 -11.52
CA ALA B 26 34.01 2.83 -11.00
C ALA B 26 34.34 4.10 -11.79
N PHE B 27 34.19 4.06 -13.10
CA PHE B 27 34.49 5.17 -13.99
C PHE B 27 33.40 6.24 -13.92
N ALA B 28 32.20 5.83 -13.51
CA ALA B 28 31.06 6.72 -13.37
C ALA B 28 31.02 7.38 -11.98
N GLN B 29 31.61 6.69 -10.98
CA GLN B 29 31.74 7.21 -9.62
C GLN B 29 32.83 8.30 -9.53
N TYR B 30 33.99 8.08 -10.19
CA TYR B 30 35.13 8.98 -10.18
C TYR B 30 34.84 10.22 -11.04
N LEU B 31 34.94 10.08 -12.39
CA LEU B 31 34.53 11.13 -13.33
C LEU B 31 33.02 11.03 -13.57
N GLN B 32 32.26 11.95 -12.95
CA GLN B 32 30.80 11.86 -12.84
C GLN B 32 30.10 12.65 -13.95
N GLN B 33 30.83 13.60 -14.56
CA GLN B 33 30.27 14.53 -15.52
C GLN B 33 30.49 14.05 -16.96
N CYS B 34 31.38 13.05 -17.17
CA CYS B 34 31.77 12.59 -18.49
C CYS B 34 30.62 11.83 -19.15
N PRO B 35 30.47 11.93 -20.51
CA PRO B 35 29.31 11.36 -21.20
C PRO B 35 29.35 9.83 -21.18
N PHE B 36 28.18 9.22 -21.44
CA PHE B 36 27.99 7.78 -21.31
C PHE B 36 28.95 7.00 -22.22
N GLU B 37 29.06 7.43 -23.49
CA GLU B 37 29.83 6.73 -24.51
C GLU B 37 31.33 6.75 -24.20
N ASP B 38 31.88 7.94 -23.92
CA ASP B 38 33.30 8.13 -23.65
C ASP B 38 33.79 7.28 -22.47
N HIS B 39 32.86 6.72 -21.67
CA HIS B 39 33.18 5.88 -20.53
C HIS B 39 33.06 4.40 -20.89
N VAL B 40 32.11 4.10 -21.78
CA VAL B 40 31.96 2.76 -22.32
C VAL B 40 33.21 2.40 -23.12
N LYS B 41 33.73 3.36 -23.88
CA LYS B 41 34.96 3.25 -24.68
C LYS B 41 36.16 2.91 -23.80
N LEU B 42 36.28 3.60 -22.65
CA LEU B 42 37.34 3.38 -21.68
C LEU B 42 37.23 2.00 -21.03
N VAL B 43 35.99 1.57 -20.75
CA VAL B 43 35.71 0.28 -20.12
C VAL B 43 36.16 -0.87 -21.02
N ASN B 44 35.71 -0.81 -22.29
CA ASN B 44 36.01 -1.82 -23.30
C ASN B 44 37.52 -1.91 -23.53
N GLU B 45 38.15 -0.75 -23.71
CA GLU B 45 39.58 -0.66 -23.91
C GLU B 45 40.35 -1.34 -22.77
N VAL B 46 39.89 -1.13 -21.52
CA VAL B 46 40.48 -1.73 -20.34
C VAL B 46 40.24 -3.22 -20.35
N THR B 47 38.98 -3.59 -20.66
CA THR B 47 38.52 -4.98 -20.70
C THR B 47 39.33 -5.78 -21.71
N GLU B 48 39.48 -5.21 -22.92
CA GLU B 48 40.32 -5.78 -23.97
C GLU B 48 41.72 -6.07 -23.44
N PHE B 49 42.32 -5.03 -22.84
CA PHE B 49 43.66 -5.06 -22.26
C PHE B 49 43.76 -6.17 -21.20
N ALA B 50 42.68 -6.42 -20.46
CA ALA B 50 42.66 -7.39 -19.38
C ALA B 50 42.81 -8.81 -19.92
N LYS B 51 42.19 -9.06 -21.09
CA LYS B 51 42.22 -10.34 -21.78
C LYS B 51 43.66 -10.68 -22.19
N THR B 52 44.44 -9.66 -22.59
CA THR B 52 45.85 -9.78 -22.91
C THR B 52 46.61 -10.36 -21.72
N CYS B 53 46.27 -9.89 -20.52
CA CYS B 53 46.94 -10.30 -19.29
C CYS B 53 46.48 -11.68 -18.82
N VAL B 54 45.30 -12.12 -19.29
CA VAL B 54 44.78 -13.46 -19.03
C VAL B 54 45.49 -14.47 -19.95
N ALA B 55 45.62 -14.12 -21.24
CA ALA B 55 46.32 -14.88 -22.26
C ALA B 55 47.77 -15.11 -21.85
N ASP B 56 48.43 -14.02 -21.45
CA ASP B 56 49.79 -14.06 -20.90
C ASP B 56 49.94 -12.99 -19.81
N GLU B 57 50.03 -13.45 -18.53
CA GLU B 57 50.09 -12.59 -17.35
C GLU B 57 51.32 -11.69 -17.35
N SER B 58 52.41 -12.17 -17.97
CA SER B 58 53.69 -11.49 -18.00
C SER B 58 53.77 -10.54 -19.20
N ALA B 59 52.62 -10.28 -19.84
CA ALA B 59 52.53 -9.30 -20.93
C ALA B 59 52.80 -7.90 -20.36
N GLU B 60 53.19 -6.94 -21.22
CA GLU B 60 53.64 -5.64 -20.73
C GLU B 60 52.49 -4.93 -20.03
N ASN B 61 52.83 -4.25 -18.91
CA ASN B 61 51.89 -3.37 -18.20
C ASN B 61 50.85 -4.17 -17.41
N CYS B 62 51.03 -5.49 -17.31
CA CYS B 62 50.05 -6.37 -16.72
C CYS B 62 50.28 -6.52 -15.21
N ASP B 63 51.53 -6.35 -14.78
CA ASP B 63 51.92 -6.46 -13.37
C ASP B 63 51.49 -5.19 -12.61
N LYS B 64 51.06 -4.17 -13.36
CA LYS B 64 50.55 -2.92 -12.81
C LYS B 64 49.35 -3.19 -11.91
N SER B 65 49.27 -2.42 -10.80
CA SER B 65 48.16 -2.42 -9.86
C SER B 65 46.92 -1.86 -10.56
N LEU B 66 45.74 -2.22 -10.01
CA LEU B 66 44.47 -1.84 -10.59
C LEU B 66 44.32 -0.31 -10.57
N HIS B 67 44.77 0.34 -9.49
CA HIS B 67 44.66 1.79 -9.35
C HIS B 67 45.48 2.54 -10.39
N THR B 68 46.66 1.98 -10.72
CA THR B 68 47.57 2.53 -11.71
C THR B 68 46.93 2.46 -13.12
N LEU B 69 46.27 1.33 -13.38
CA LEU B 69 45.65 1.05 -14.67
C LEU B 69 44.44 1.96 -14.88
N PHE B 70 43.67 2.17 -13.81
CA PHE B 70 42.42 2.91 -13.85
C PHE B 70 42.68 4.42 -13.85
N GLY B 71 43.63 4.87 -13.03
CA GLY B 71 43.99 6.28 -12.94
C GLY B 71 44.52 6.85 -14.26
N ASP B 72 45.28 6.02 -15.00
CA ASP B 72 45.96 6.38 -16.24
C ASP B 72 44.95 6.58 -17.37
N LYS B 73 43.98 5.66 -17.45
CA LYS B 73 42.97 5.60 -18.50
C LYS B 73 42.02 6.78 -18.38
N LEU B 74 41.58 7.04 -17.13
CA LEU B 74 40.56 8.05 -16.82
C LEU B 74 41.09 9.44 -17.13
N CYS B 75 42.33 9.74 -16.70
CA CYS B 75 42.94 11.08 -16.77
C CYS B 75 43.07 11.58 -18.21
N THR B 76 42.95 10.66 -19.18
CA THR B 76 43.15 10.90 -20.60
C THR B 76 41.98 11.68 -21.21
N VAL B 77 40.82 11.71 -20.51
CA VAL B 77 39.63 12.41 -20.97
C VAL B 77 39.88 13.92 -20.90
N ALA B 88 39.19 20.49 -12.22
CA ALA B 88 39.53 19.81 -10.95
C ALA B 88 41.04 19.59 -10.83
N ASP B 89 41.67 19.15 -11.94
CA ASP B 89 43.13 19.10 -12.06
C ASP B 89 43.69 17.99 -11.17
N CYS B 90 42.98 16.86 -11.06
CA CYS B 90 43.26 15.80 -10.08
C CYS B 90 44.34 14.84 -10.57
N CYS B 91 44.85 15.08 -11.78
CA CYS B 91 45.90 14.23 -12.35
C CYS B 91 47.26 14.58 -11.73
N ALA B 92 47.44 14.13 -10.48
CA ALA B 92 48.55 14.50 -9.60
C ALA B 92 49.45 13.29 -9.35
N LYS B 93 49.49 12.35 -10.31
CA LYS B 93 50.44 11.25 -10.37
C LYS B 93 50.41 10.33 -9.14
N GLN B 94 51.60 9.83 -8.77
CA GLN B 94 51.87 9.06 -7.57
C GLN B 94 50.58 8.41 -7.11
N GLU B 95 50.34 7.23 -7.62
CA GLU B 95 49.02 6.64 -7.64
C GLU B 95 48.39 6.53 -6.24
N PRO B 96 49.20 6.44 -5.15
CA PRO B 96 48.63 6.52 -3.81
C PRO B 96 47.95 7.86 -3.54
N GLU B 97 48.10 8.80 -4.50
CA GLU B 97 47.64 10.19 -4.35
C GLU B 97 46.50 10.45 -5.34
N ARG B 98 46.74 10.15 -6.62
CA ARG B 98 45.76 10.31 -7.69
C ARG B 98 44.44 9.66 -7.28
N ASN B 99 44.54 8.48 -6.66
CA ASN B 99 43.40 7.72 -6.16
C ASN B 99 42.68 8.49 -5.04
N GLU B 100 43.46 8.97 -4.05
CA GLU B 100 42.97 9.79 -2.93
C GLU B 100 42.46 11.15 -3.42
N CYS B 101 42.88 11.55 -4.64
CA CYS B 101 42.45 12.78 -5.30
C CYS B 101 41.04 12.60 -5.87
N PHE B 102 40.79 11.43 -6.50
CA PHE B 102 39.53 11.09 -7.13
C PHE B 102 38.42 10.92 -6.09
N LEU B 103 38.76 10.20 -5.01
CA LEU B 103 37.85 9.94 -3.91
C LEU B 103 37.40 11.26 -3.30
N GLN B 104 38.37 12.16 -3.10
CA GLN B 104 38.15 13.45 -2.47
C GLN B 104 37.10 14.24 -3.24
N HIS B 105 37.25 14.29 -4.59
CA HIS B 105 36.47 15.13 -5.48
C HIS B 105 35.11 14.52 -5.82
N LYS B 106 34.83 13.31 -5.28
CA LYS B 106 33.50 12.70 -5.36
C LYS B 106 32.44 13.67 -4.84
N ASP B 107 31.26 13.67 -5.49
CA ASP B 107 30.14 14.57 -5.20
C ASP B 107 28.92 13.77 -4.74
N ASP B 108 28.59 13.87 -3.43
CA ASP B 108 27.44 13.25 -2.81
C ASP B 108 26.12 13.75 -3.41
N ASN B 109 26.15 14.91 -4.09
CA ASN B 109 25.06 15.44 -4.88
C ASN B 109 25.65 16.22 -6.06
N PRO B 110 25.88 15.57 -7.22
CA PRO B 110 26.63 16.18 -8.31
C PRO B 110 25.91 17.35 -8.98
N ASN B 111 24.59 17.38 -8.85
CA ASN B 111 23.85 18.45 -9.50
C ASN B 111 23.89 18.23 -11.01
N LEU B 112 23.21 17.16 -11.45
CA LEU B 112 23.05 16.76 -12.84
C LEU B 112 21.57 16.86 -13.19
N PRO B 113 21.24 16.94 -14.51
CA PRO B 113 19.84 16.89 -14.96
C PRO B 113 19.13 15.70 -14.33
N ARG B 114 17.91 15.90 -13.84
CA ARG B 114 17.13 14.79 -13.30
C ARG B 114 16.68 13.86 -14.44
N LEU B 115 16.70 12.54 -14.21
CA LEU B 115 16.22 11.55 -15.15
C LEU B 115 14.70 11.63 -15.29
N VAL B 116 14.21 11.92 -16.51
CA VAL B 116 12.78 11.91 -16.83
C VAL B 116 12.41 10.57 -17.47
N ARG B 117 11.71 9.71 -16.71
CA ARG B 117 11.32 8.37 -17.14
C ARG B 117 10.51 8.42 -18.42
N PRO B 118 11.02 7.89 -19.56
CA PRO B 118 10.25 7.83 -20.80
C PRO B 118 9.03 6.93 -20.64
N GLU B 119 8.09 7.03 -21.59
CA GLU B 119 6.85 6.25 -21.63
C GLU B 119 7.20 4.77 -21.73
N VAL B 120 6.31 3.91 -21.21
CA VAL B 120 6.56 2.48 -20.99
C VAL B 120 7.04 1.80 -22.26
N ASP B 121 6.29 1.99 -23.36
CA ASP B 121 6.59 1.42 -24.68
C ASP B 121 7.91 1.96 -25.20
N VAL B 122 8.21 3.25 -24.92
CA VAL B 122 9.44 3.91 -25.34
C VAL B 122 10.64 3.20 -24.73
N MET B 123 10.52 2.74 -23.49
CA MET B 123 11.62 2.11 -22.77
C MET B 123 11.78 0.65 -23.19
N CYS B 124 10.66 -0.01 -23.53
CA CYS B 124 10.63 -1.42 -23.92
C CYS B 124 11.25 -1.65 -25.30
N THR B 125 11.13 -0.65 -26.19
CA THR B 125 11.67 -0.70 -27.54
C THR B 125 13.18 -0.71 -27.47
N ALA B 126 13.76 0.25 -26.72
CA ALA B 126 15.19 0.37 -26.49
C ALA B 126 15.76 -0.91 -25.88
N PHE B 127 15.01 -1.54 -24.97
CA PHE B 127 15.42 -2.75 -24.29
C PHE B 127 15.51 -3.92 -25.29
N HIS B 128 14.66 -3.89 -26.32
CA HIS B 128 14.65 -4.92 -27.36
C HIS B 128 15.72 -4.61 -28.42
N ASP B 129 16.24 -3.38 -28.42
CA ASP B 129 17.17 -2.84 -29.41
C ASP B 129 18.61 -3.19 -29.02
N ASN B 130 19.22 -2.31 -28.18
CA ASN B 130 20.52 -2.56 -27.57
C ASN B 130 20.30 -2.75 -26.07
N GLU B 131 20.04 -4.01 -25.69
CA GLU B 131 19.83 -4.44 -24.31
C GLU B 131 21.10 -4.20 -23.49
N GLU B 132 22.28 -4.33 -24.12
CA GLU B 132 23.57 -4.09 -23.49
C GLU B 132 23.65 -2.65 -23.02
N THR B 133 23.23 -1.72 -23.89
CA THR B 133 23.29 -0.30 -23.64
C THR B 133 22.32 0.08 -22.52
N PHE B 134 21.05 -0.32 -22.68
CA PHE B 134 19.95 0.03 -21.78
C PHE B 134 20.35 -0.22 -20.33
N LEU B 135 21.00 -1.35 -20.04
CA LEU B 135 21.43 -1.70 -18.70
C LEU B 135 22.72 -0.95 -18.35
N LYS B 136 23.57 -0.69 -19.35
CA LYS B 136 24.84 0.01 -19.14
C LYS B 136 24.62 1.48 -18.85
N LYS B 137 23.50 2.02 -19.36
CA LYS B 137 23.02 3.37 -19.04
C LYS B 137 22.51 3.41 -17.60
N TYR B 138 21.90 2.32 -17.13
CA TYR B 138 21.37 2.20 -15.78
C TYR B 138 22.51 2.26 -14.78
N LEU B 139 23.58 1.49 -15.03
CA LEU B 139 24.77 1.53 -14.19
C LEU B 139 25.35 2.94 -14.19
N TYR B 140 25.50 3.51 -15.39
CA TYR B 140 26.07 4.82 -15.62
C TYR B 140 25.41 5.84 -14.70
N GLU B 141 24.14 6.16 -14.99
CA GLU B 141 23.37 7.24 -14.38
C GLU B 141 23.32 7.10 -12.86
N ILE B 142 23.08 5.88 -12.36
CA ILE B 142 23.00 5.60 -10.93
C ILE B 142 24.34 5.85 -10.26
N ALA B 143 25.44 5.36 -10.85
CA ALA B 143 26.77 5.43 -10.29
C ALA B 143 27.31 6.86 -10.26
N ARG B 144 26.82 7.72 -11.17
CA ARG B 144 27.14 9.13 -11.21
C ARG B 144 26.58 9.80 -9.96
N ARG B 145 25.25 9.77 -9.82
CA ARG B 145 24.50 10.44 -8.78
C ARG B 145 24.69 9.77 -7.42
N HIS B 146 25.35 8.60 -7.41
CA HIS B 146 25.61 7.83 -6.20
C HIS B 146 27.07 7.32 -6.22
N PRO B 147 28.06 8.19 -5.95
CA PRO B 147 29.47 7.81 -6.06
C PRO B 147 30.02 6.96 -4.92
N TYR B 148 29.12 6.33 -4.14
CA TYR B 148 29.50 5.50 -2.99
C TYR B 148 28.69 4.21 -2.97
N PHE B 149 27.85 4.02 -4.01
CA PHE B 149 26.93 2.89 -4.09
C PHE B 149 27.69 1.57 -4.00
N TYR B 150 27.16 0.64 -3.20
CA TYR B 150 27.76 -0.66 -2.98
C TYR B 150 27.81 -1.40 -4.33
N ALA B 151 29.00 -1.42 -4.95
CA ALA B 151 29.22 -1.83 -6.32
C ALA B 151 28.63 -3.23 -6.55
N PRO B 152 28.94 -4.23 -5.71
CA PRO B 152 28.37 -5.58 -5.88
C PRO B 152 26.86 -5.63 -5.68
N GLU B 153 26.29 -4.63 -5.00
CA GLU B 153 24.86 -4.54 -4.74
C GLU B 153 24.16 -3.86 -5.92
N LEU B 154 24.89 -2.98 -6.61
CA LEU B 154 24.38 -2.30 -7.79
C LEU B 154 24.20 -3.29 -8.96
N LEU B 155 25.06 -4.32 -9.04
CA LEU B 155 24.97 -5.41 -10.01
C LEU B 155 23.64 -6.14 -9.87
N PHE B 156 23.30 -6.45 -8.62
CA PHE B 156 22.03 -7.07 -8.23
C PHE B 156 20.83 -6.22 -8.67
N PHE B 157 20.88 -4.92 -8.44
CA PHE B 157 19.83 -4.00 -8.84
C PHE B 157 19.71 -3.94 -10.35
N ALA B 158 20.86 -3.99 -11.05
CA ALA B 158 20.90 -3.99 -12.50
C ALA B 158 20.27 -5.28 -13.04
N LYS B 159 20.68 -6.43 -12.47
CA LYS B 159 20.11 -7.74 -12.79
C LYS B 159 18.60 -7.76 -12.61
N ARG B 160 18.09 -7.06 -11.59
CA ARG B 160 16.66 -6.97 -11.28
C ARG B 160 15.96 -5.99 -12.23
N TYR B 161 16.59 -4.85 -12.52
CA TYR B 161 16.13 -3.91 -13.52
C TYR B 161 15.91 -4.64 -14.85
N LYS B 162 16.80 -5.60 -15.14
CA LYS B 162 16.83 -6.35 -16.40
C LYS B 162 15.69 -7.37 -16.44
N ALA B 163 15.36 -7.95 -15.27
CA ALA B 163 14.30 -8.94 -15.10
C ALA B 163 12.90 -8.36 -15.33
N ALA B 164 12.70 -7.12 -14.83
CA ALA B 164 11.44 -6.38 -14.85
C ALA B 164 11.01 -6.07 -16.29
N PHE B 165 11.98 -5.63 -17.12
CA PHE B 165 11.73 -5.29 -18.53
C PHE B 165 11.51 -6.56 -19.34
N THR B 166 12.23 -7.64 -18.98
CA THR B 166 12.20 -8.90 -19.70
C THR B 166 10.85 -9.59 -19.48
N GLU B 167 10.20 -9.31 -18.34
CA GLU B 167 8.97 -9.97 -17.96
C GLU B 167 7.76 -9.18 -18.43
N CYS B 168 7.82 -7.84 -18.35
CA CYS B 168 6.67 -6.97 -18.51
C CYS B 168 6.50 -6.50 -19.96
N CYS B 169 7.60 -6.39 -20.70
CA CYS B 169 7.58 -5.84 -22.06
C CYS B 169 6.83 -6.75 -23.03
N GLN B 170 6.65 -8.02 -22.64
CA GLN B 170 5.98 -9.02 -23.46
C GLN B 170 4.53 -9.21 -22.99
N ALA B 171 4.20 -8.61 -21.83
CA ALA B 171 2.88 -8.62 -21.24
C ALA B 171 1.95 -7.75 -22.06
N ALA B 172 0.64 -8.02 -21.95
CA ALA B 172 -0.41 -7.30 -22.66
C ALA B 172 -0.42 -5.84 -22.19
N ASP B 173 -0.58 -5.68 -20.87
CA ASP B 173 -0.52 -4.38 -20.20
C ASP B 173 0.82 -4.25 -19.49
N LYS B 174 1.73 -3.50 -20.14
CA LYS B 174 3.14 -3.35 -19.79
C LYS B 174 3.30 -2.31 -18.67
N ALA B 175 2.38 -1.34 -18.61
CA ALA B 175 2.44 -0.21 -17.70
C ALA B 175 2.15 -0.62 -16.26
N ALA B 176 1.10 -1.42 -16.06
CA ALA B 176 0.64 -1.90 -14.77
C ALA B 176 1.65 -2.86 -14.14
N CYS B 177 2.55 -3.39 -14.98
CA CYS B 177 3.47 -4.44 -14.61
C CYS B 177 4.81 -3.83 -14.19
N LEU B 178 5.41 -3.05 -15.11
CA LEU B 178 6.78 -2.58 -15.01
C LEU B 178 6.91 -1.46 -13.98
N LEU B 179 5.96 -0.51 -13.98
CA LEU B 179 6.05 0.71 -13.20
C LEU B 179 6.11 0.43 -11.70
N PRO B 180 5.21 -0.42 -11.15
CA PRO B 180 5.28 -0.78 -9.74
C PRO B 180 6.64 -1.36 -9.36
N LYS B 181 7.38 -1.88 -10.36
CA LYS B 181 8.66 -2.55 -10.14
C LYS B 181 9.81 -1.55 -10.22
N LEU B 182 9.70 -0.57 -11.12
CA LEU B 182 10.71 0.45 -11.30
C LEU B 182 10.77 1.34 -10.05
N ASP B 183 9.59 1.66 -9.49
CA ASP B 183 9.44 2.42 -8.25
C ASP B 183 10.00 1.61 -7.08
N GLU B 184 9.69 0.31 -7.07
CA GLU B 184 10.19 -0.61 -6.07
C GLU B 184 11.72 -0.62 -6.08
N LEU B 185 12.32 -0.65 -7.28
CA LEU B 185 13.76 -0.57 -7.45
C LEU B 185 14.30 0.78 -7.01
N ARG B 186 13.65 1.88 -7.42
CA ARG B 186 14.04 3.26 -7.10
C ARG B 186 14.10 3.46 -5.58
N ASP B 187 13.09 2.99 -4.86
CA ASP B 187 13.03 3.08 -3.40
C ASP B 187 14.25 2.38 -2.81
N GLU B 188 14.32 1.06 -3.01
CA GLU B 188 15.43 0.23 -2.55
C GLU B 188 16.77 0.79 -3.05
N GLY B 189 16.75 1.39 -4.24
CA GLY B 189 17.89 2.06 -4.87
C GLY B 189 18.48 3.14 -3.96
N LYS B 190 17.65 4.12 -3.61
CA LYS B 190 18.00 5.23 -2.72
C LYS B 190 18.30 4.71 -1.31
N ALA B 191 17.61 3.65 -0.89
CA ALA B 191 17.78 3.03 0.42
C ALA B 191 19.16 2.39 0.55
N SER B 192 19.69 1.82 -0.56
CA SER B 192 20.97 1.14 -0.56
C SER B 192 22.12 2.13 -0.46
N SER B 193 22.10 3.14 -1.33
CA SER B 193 23.12 4.18 -1.41
C SER B 193 23.28 4.90 -0.07
N ALA B 194 22.15 5.36 0.49
CA ALA B 194 22.08 6.06 1.77
C ALA B 194 22.76 5.23 2.85
N LYS B 195 22.38 3.94 2.89
CA LYS B 195 22.87 3.01 3.90
C LYS B 195 24.35 2.70 3.69
N GLN B 196 24.80 2.71 2.42
CA GLN B 196 26.18 2.41 2.04
C GLN B 196 27.08 3.61 2.30
N ARG B 197 26.54 4.82 2.07
CA ARG B 197 27.29 6.04 2.29
C ARG B 197 27.69 6.17 3.77
N LEU B 198 26.87 5.60 4.66
CA LEU B 198 27.12 5.62 6.10
C LEU B 198 28.35 4.77 6.41
N LYS B 199 28.41 3.57 5.83
CA LYS B 199 29.52 2.63 6.06
C LYS B 199 30.85 3.26 5.66
N CYS B 200 30.82 4.11 4.63
CA CYS B 200 31.99 4.77 4.10
C CYS B 200 32.46 5.90 5.02
N ALA B 201 31.52 6.62 5.63
CA ALA B 201 31.77 7.71 6.56
C ALA B 201 32.41 7.17 7.85
N SER B 202 31.80 6.11 8.42
CA SER B 202 32.31 5.47 9.62
C SER B 202 33.75 4.98 9.46
N LEU B 203 34.08 4.45 8.27
CA LEU B 203 35.39 3.91 7.95
C LEU B 203 36.39 5.04 7.74
N GLN B 204 35.97 6.06 7.00
CA GLN B 204 36.83 7.15 6.55
C GLN B 204 36.99 8.23 7.62
N LYS B 205 35.94 8.46 8.42
CA LYS B 205 35.89 9.61 9.33
C LYS B 205 36.28 9.22 10.77
N PHE B 206 36.00 7.97 11.15
CA PHE B 206 36.19 7.48 12.51
C PHE B 206 37.09 6.24 12.52
N GLY B 207 37.57 5.83 11.34
CA GLY B 207 38.57 4.78 11.22
C GLY B 207 37.96 3.38 11.26
N GLU B 208 38.81 2.34 11.05
CA GLU B 208 38.39 0.96 10.92
C GLU B 208 37.92 0.41 12.26
N ARG B 209 38.45 0.95 13.36
CA ARG B 209 38.08 0.55 14.72
C ARG B 209 36.60 0.84 14.99
N ALA B 210 36.13 2.01 14.52
CA ALA B 210 34.74 2.44 14.62
C ALA B 210 33.83 1.53 13.82
N PHE B 211 34.36 1.00 12.69
CA PHE B 211 33.65 0.12 11.78
C PHE B 211 33.56 -1.29 12.34
N LYS B 212 34.65 -1.75 13.00
CA LYS B 212 34.75 -3.08 13.56
C LYS B 212 33.77 -3.23 14.73
N ALA B 213 33.86 -2.33 15.70
CA ALA B 213 32.99 -2.33 16.88
C ALA B 213 31.53 -2.40 16.45
N TRP B 214 31.19 -1.59 15.43
CA TRP B 214 29.85 -1.56 14.89
C TRP B 214 29.51 -2.87 14.19
N ALA B 215 30.50 -3.45 13.49
CA ALA B 215 30.37 -4.72 12.78
C ALA B 215 30.14 -5.89 13.74
N VAL B 216 30.93 -5.93 14.83
CA VAL B 216 30.89 -7.00 15.82
C VAL B 216 29.52 -7.02 16.49
N ALA B 217 29.05 -5.82 16.87
CA ALA B 217 27.73 -5.60 17.45
C ALA B 217 26.63 -6.18 16.56
N ARG B 218 26.59 -5.74 15.29
CA ARG B 218 25.50 -6.05 14.37
C ARG B 218 25.46 -7.54 14.05
N LEU B 219 26.65 -8.13 13.88
CA LEU B 219 26.76 -9.53 13.50
C LEU B 219 26.45 -10.44 14.69
N SER B 220 26.92 -10.05 15.88
CA SER B 220 26.70 -10.78 17.12
C SER B 220 25.21 -10.86 17.44
N GLN B 221 24.43 -9.89 16.94
CA GLN B 221 22.98 -9.85 17.02
C GLN B 221 22.39 -10.82 16.00
N ARG B 222 22.88 -10.72 14.74
CA ARG B 222 22.45 -11.52 13.60
C ARG B 222 22.84 -12.99 13.79
N PHE B 223 24.08 -13.23 14.23
CA PHE B 223 24.63 -14.57 14.42
C PHE B 223 25.05 -14.72 15.88
N PRO B 224 24.08 -14.88 16.81
CA PRO B 224 24.40 -15.07 18.23
C PRO B 224 24.87 -16.49 18.54
N LYS B 225 24.51 -17.46 17.68
CA LYS B 225 24.83 -18.87 17.91
C LYS B 225 26.31 -19.13 17.68
N ALA B 226 26.94 -18.31 16.83
CA ALA B 226 28.34 -18.48 16.42
C ALA B 226 29.28 -18.19 17.60
N GLU B 227 30.44 -18.86 17.61
CA GLU B 227 31.57 -18.58 18.48
C GLU B 227 32.09 -17.18 18.18
N PHE B 228 32.90 -16.64 19.11
CA PHE B 228 33.42 -15.28 19.01
C PHE B 228 34.37 -15.15 17.81
N ALA B 229 35.23 -16.17 17.64
CA ALA B 229 36.24 -16.27 16.59
C ALA B 229 35.62 -16.31 15.19
N GLU B 230 34.46 -16.97 15.10
CA GLU B 230 33.67 -17.10 13.89
C GLU B 230 33.13 -15.72 13.50
N VAL B 231 32.52 -15.02 14.46
CA VAL B 231 31.99 -13.68 14.27
C VAL B 231 33.13 -12.73 13.90
N SER B 232 34.19 -12.73 14.74
CA SER B 232 35.38 -11.91 14.55
C SER B 232 35.92 -12.03 13.12
N LYS B 233 35.96 -13.27 12.61
CA LYS B 233 36.50 -13.58 11.29
C LYS B 233 35.67 -12.92 10.21
N LEU B 234 34.35 -13.10 10.27
CA LEU B 234 33.41 -12.48 9.34
C LEU B 234 33.52 -10.95 9.36
N VAL B 235 33.68 -10.37 10.57
CA VAL B 235 33.85 -8.93 10.77
C VAL B 235 35.10 -8.46 10.02
N THR B 236 36.21 -9.20 10.22
CA THR B 236 37.49 -8.91 9.60
C THR B 236 37.35 -8.86 8.09
N ASP B 237 36.76 -9.93 7.54
CA ASP B 237 36.54 -10.11 6.11
C ASP B 237 35.62 -9.01 5.59
N LEU B 238 34.55 -8.76 6.34
CA LEU B 238 33.55 -7.77 5.95
C LEU B 238 34.13 -6.36 5.94
N THR B 239 34.99 -6.05 6.94
CA THR B 239 35.69 -4.78 7.01
C THR B 239 36.60 -4.58 5.80
N LYS B 240 37.21 -5.69 5.34
CA LYS B 240 38.09 -5.68 4.18
C LYS B 240 37.31 -5.26 2.94
N VAL B 241 36.09 -5.83 2.81
CA VAL B 241 35.22 -5.67 1.65
C VAL B 241 34.83 -4.20 1.51
N HIS B 242 34.37 -3.60 2.61
CA HIS B 242 33.84 -2.23 2.63
C HIS B 242 34.96 -1.19 2.56
N THR B 243 36.10 -1.49 3.18
CA THR B 243 37.29 -0.66 3.06
C THR B 243 37.68 -0.51 1.59
N GLU B 244 37.60 -1.60 0.83
CA GLU B 244 37.91 -1.65 -0.60
C GLU B 244 36.91 -0.83 -1.40
N CYS B 245 35.62 -1.09 -1.17
CA CYS B 245 34.54 -0.49 -1.94
C CYS B 245 34.44 1.04 -1.77
N CYS B 246 34.76 1.55 -0.58
CA CYS B 246 34.63 2.97 -0.28
C CYS B 246 35.81 3.78 -0.82
N HIS B 247 36.95 3.08 -1.08
CA HIS B 247 38.21 3.67 -1.50
C HIS B 247 38.54 3.39 -2.98
N GLY B 248 37.55 2.91 -3.75
CA GLY B 248 37.70 2.77 -5.18
C GLY B 248 37.99 1.34 -5.64
N ASP B 249 38.55 0.53 -4.74
CA ASP B 249 38.93 -0.85 -4.99
C ASP B 249 37.68 -1.71 -5.12
N LEU B 250 36.95 -1.54 -6.24
CA LEU B 250 35.64 -2.14 -6.42
C LEU B 250 35.75 -3.61 -6.83
N LEU B 251 36.73 -3.93 -7.70
CA LEU B 251 37.02 -5.29 -8.16
C LEU B 251 37.33 -6.19 -6.98
N GLU B 252 38.28 -5.78 -6.12
CA GLU B 252 38.67 -6.57 -4.96
C GLU B 252 37.46 -6.77 -4.04
N CYS B 253 36.59 -5.75 -3.99
CA CYS B 253 35.39 -5.70 -3.17
C CYS B 253 34.42 -6.80 -3.57
N ALA B 254 34.14 -6.89 -4.89
CA ALA B 254 33.16 -7.78 -5.49
C ALA B 254 33.55 -9.24 -5.30
N ASP B 255 34.86 -9.55 -5.42
CA ASP B 255 35.38 -10.90 -5.30
C ASP B 255 35.52 -11.30 -3.82
N ASP B 256 35.85 -10.34 -2.96
CA ASP B 256 36.03 -10.56 -1.52
C ASP B 256 34.70 -11.02 -0.92
N ARG B 257 33.64 -10.24 -1.20
CA ARG B 257 32.28 -10.60 -0.86
C ARG B 257 31.94 -12.00 -1.33
N ALA B 258 31.91 -12.19 -2.67
CA ALA B 258 31.63 -13.50 -3.24
C ALA B 258 32.33 -14.59 -2.43
N ASP B 259 33.64 -14.39 -2.17
CA ASP B 259 34.46 -15.31 -1.40
C ASP B 259 33.89 -15.43 0.01
N LEU B 260 33.50 -14.29 0.58
CA LEU B 260 32.97 -14.19 1.94
C LEU B 260 31.62 -14.89 2.05
N ALA B 261 30.80 -14.75 0.98
CA ALA B 261 29.50 -15.38 0.85
C ALA B 261 29.63 -16.90 0.79
N LYS B 262 30.70 -17.38 0.15
CA LYS B 262 30.94 -18.81 0.03
C LYS B 262 31.50 -19.35 1.34
N TYR B 263 32.26 -18.52 2.07
CA TYR B 263 32.87 -18.89 3.35
C TYR B 263 31.82 -19.10 4.44
N ILE B 264 30.65 -18.47 4.26
CA ILE B 264 29.54 -18.50 5.20
C ILE B 264 28.68 -19.74 4.98
N CYS B 265 28.22 -19.92 3.73
CA CYS B 265 27.29 -21.00 3.36
C CYS B 265 27.91 -22.38 3.58
N GLU B 266 29.24 -22.47 3.41
CA GLU B 266 30.05 -23.65 3.68
C GLU B 266 30.08 -23.99 5.17
N ASN B 267 30.10 -22.94 6.02
CA ASN B 267 30.17 -23.04 7.48
C ASN B 267 28.88 -22.53 8.13
N GLN B 268 27.73 -22.86 7.53
CA GLN B 268 26.42 -22.38 7.94
C GLN B 268 26.03 -22.92 9.32
N ASP B 269 26.40 -24.18 9.63
CA ASP B 269 26.04 -24.80 10.89
C ASP B 269 26.63 -24.04 12.09
N SER B 270 27.84 -23.48 11.93
CA SER B 270 28.63 -22.86 12.99
C SER B 270 28.29 -21.38 13.14
N ILE B 271 27.48 -20.85 12.19
CA ILE B 271 27.14 -19.43 12.12
C ILE B 271 25.68 -19.22 12.55
N SER B 272 24.76 -19.48 11.61
CA SER B 272 23.33 -19.22 11.82
C SER B 272 22.48 -20.24 11.08
N SER B 273 21.22 -20.35 11.50
CA SER B 273 20.30 -21.34 10.97
C SER B 273 19.21 -20.69 10.13
N LYS B 274 19.48 -19.50 9.58
CA LYS B 274 18.47 -18.76 8.84
C LYS B 274 18.96 -18.47 7.42
N LEU B 275 20.07 -19.09 7.02
CA LEU B 275 20.68 -18.79 5.73
C LEU B 275 20.40 -19.88 4.68
N LYS B 276 19.65 -20.91 5.06
CA LYS B 276 19.38 -22.03 4.19
C LYS B 276 18.99 -21.50 2.81
N GLU B 277 17.73 -21.08 2.68
CA GLU B 277 17.24 -20.59 1.41
C GLU B 277 18.18 -19.48 0.93
N CYS B 278 18.78 -18.77 1.90
CA CYS B 278 19.64 -17.65 1.55
C CYS B 278 20.86 -18.16 0.81
N CYS B 279 21.20 -19.45 1.03
CA CYS B 279 22.39 -20.03 0.42
C CYS B 279 22.05 -20.94 -0.76
N GLU B 280 20.82 -20.83 -1.27
CA GLU B 280 20.37 -21.57 -2.45
C GLU B 280 20.25 -20.61 -3.62
N LYS B 281 20.01 -19.33 -3.31
CA LYS B 281 19.78 -18.29 -4.30
C LYS B 281 21.01 -18.17 -5.21
N PRO B 282 20.86 -17.58 -6.42
CA PRO B 282 22.00 -17.36 -7.30
C PRO B 282 23.03 -16.53 -6.55
N LEU B 283 24.25 -16.42 -7.11
CA LEU B 283 25.36 -15.80 -6.42
C LEU B 283 24.99 -14.38 -5.98
N LEU B 284 24.74 -13.49 -6.96
CA LEU B 284 24.47 -12.11 -6.61
C LEU B 284 23.39 -12.00 -5.53
N GLU B 285 22.36 -12.85 -5.64
CA GLU B 285 21.24 -12.88 -4.70
C GLU B 285 21.71 -13.39 -3.34
N LYS B 286 22.75 -14.24 -3.35
CA LYS B 286 23.26 -14.93 -2.17
C LYS B 286 23.82 -13.93 -1.15
N SER B 287 24.71 -13.02 -1.61
CA SER B 287 25.32 -11.99 -0.79
C SER B 287 24.30 -11.00 -0.25
N HIS B 288 23.38 -10.58 -1.15
CA HIS B 288 22.26 -9.71 -0.80
C HIS B 288 21.37 -10.33 0.29
N CYS B 289 21.15 -11.66 0.22
CA CYS B 289 20.32 -12.43 1.12
C CYS B 289 20.90 -12.42 2.55
N ILE B 290 22.24 -12.44 2.61
CA ILE B 290 22.98 -12.47 3.86
C ILE B 290 23.02 -11.07 4.47
N ALA B 291 23.06 -10.04 3.61
CA ALA B 291 23.16 -8.64 4.02
C ALA B 291 21.90 -8.20 4.76
N GLU B 292 20.76 -8.84 4.45
CA GLU B 292 19.46 -8.53 5.04
C GLU B 292 18.84 -9.68 5.85
N VAL B 293 19.63 -10.73 6.13
CA VAL B 293 19.09 -11.95 6.72
C VAL B 293 18.51 -11.64 8.09
N GLU B 294 17.67 -12.54 8.61
CA GLU B 294 16.99 -12.36 9.88
C GLU B 294 18.02 -12.62 10.98
N ASN B 295 17.77 -12.05 12.16
CA ASN B 295 18.56 -12.31 13.34
C ASN B 295 18.18 -13.70 13.86
N ASP B 296 19.17 -14.61 13.92
CA ASP B 296 18.96 -15.98 14.39
C ASP B 296 18.57 -15.96 15.87
N GLU B 297 17.82 -16.96 16.33
CA GLU B 297 17.45 -17.11 17.74
C GLU B 297 18.71 -17.32 18.58
N MET B 298 18.79 -16.59 19.70
CA MET B 298 19.93 -16.64 20.62
C MET B 298 19.92 -17.96 21.39
N PRO B 299 21.09 -18.58 21.65
CA PRO B 299 21.16 -19.85 22.38
C PRO B 299 20.45 -19.75 23.72
N ALA B 300 19.35 -20.48 23.88
CA ALA B 300 18.58 -20.53 25.12
C ALA B 300 19.50 -20.85 26.31
N ASP B 301 19.06 -20.40 27.50
CA ASP B 301 19.71 -20.64 28.78
C ASP B 301 21.16 -20.16 28.73
N LEU B 302 21.36 -18.83 28.65
CA LEU B 302 22.67 -18.20 28.53
C LEU B 302 23.07 -17.50 29.83
N PRO B 303 24.34 -17.63 30.28
CA PRO B 303 24.83 -16.93 31.48
C PRO B 303 24.74 -15.42 31.25
N SER B 304 25.18 -14.61 32.25
CA SER B 304 24.86 -13.19 32.29
C SER B 304 26.06 -12.32 32.66
N LEU B 305 26.36 -12.30 33.97
CA LEU B 305 27.43 -11.47 34.53
C LEU B 305 28.73 -12.29 34.51
N ALA B 306 29.75 -11.85 35.26
CA ALA B 306 30.99 -12.60 35.33
C ALA B 306 31.59 -12.72 33.91
N VAL B 310 28.23 -10.26 40.06
CA VAL B 310 28.93 -11.58 39.98
C VAL B 310 30.25 -11.40 39.23
N GLU B 311 30.78 -10.16 39.19
CA GLU B 311 32.00 -9.88 38.44
C GLU B 311 33.14 -10.71 39.01
N SER B 312 34.15 -10.98 38.18
CA SER B 312 35.25 -11.88 38.52
C SER B 312 36.47 -11.06 38.87
N LYS B 313 37.56 -11.73 39.28
CA LYS B 313 38.77 -11.18 39.89
C LYS B 313 39.77 -10.72 38.83
N ASP B 314 39.78 -11.47 37.72
CA ASP B 314 40.77 -11.39 36.65
C ASP B 314 40.36 -10.40 35.56
N VAL B 315 39.23 -9.70 35.79
CA VAL B 315 38.67 -8.72 34.87
C VAL B 315 39.71 -7.67 34.49
N CYS B 316 40.51 -7.23 35.47
CA CYS B 316 41.54 -6.19 35.24
C CYS B 316 42.81 -6.80 34.64
N LYS B 317 43.14 -8.02 35.10
CA LYS B 317 44.28 -8.80 34.64
C LYS B 317 44.13 -9.10 33.15
N ASN B 318 42.89 -9.46 32.76
CA ASN B 318 42.48 -9.87 31.41
C ASN B 318 42.41 -8.68 30.46
N TYR B 319 41.96 -7.52 30.99
CA TYR B 319 41.77 -6.32 30.20
C TYR B 319 43.11 -5.72 29.78
N ALA B 320 44.05 -5.69 30.73
CA ALA B 320 45.41 -5.18 30.53
C ALA B 320 46.23 -6.08 29.60
N GLU B 321 45.91 -7.39 29.60
CA GLU B 321 46.60 -8.39 28.80
C GLU B 321 46.06 -8.39 27.36
N ALA B 322 44.81 -7.97 27.19
CA ALA B 322 44.17 -7.94 25.87
C ALA B 322 42.90 -7.11 25.96
N LYS B 323 43.04 -5.81 25.69
CA LYS B 323 41.99 -4.81 25.84
C LYS B 323 40.91 -4.99 24.77
N ASP B 324 41.31 -4.82 23.50
CA ASP B 324 40.40 -4.72 22.37
C ASP B 324 39.62 -6.02 22.16
N VAL B 325 40.22 -7.17 22.51
CA VAL B 325 39.56 -8.46 22.33
C VAL B 325 38.57 -8.70 23.48
N PHE B 326 38.96 -8.31 24.71
CA PHE B 326 38.10 -8.33 25.88
C PHE B 326 36.81 -7.52 25.63
N LEU B 327 36.96 -6.23 25.36
CA LEU B 327 35.87 -5.34 24.99
C LEU B 327 35.10 -5.88 23.78
N GLY B 328 35.84 -6.31 22.74
CA GLY B 328 35.31 -6.97 21.56
C GLY B 328 34.42 -8.15 21.92
N MET B 329 34.87 -8.93 22.90
CA MET B 329 34.13 -10.07 23.41
C MET B 329 32.93 -9.63 24.27
N PHE B 330 33.10 -8.57 25.09
CA PHE B 330 32.01 -7.97 25.84
C PHE B 330 30.91 -7.47 24.91
N LEU B 331 31.33 -6.68 23.91
CA LEU B 331 30.44 -6.17 22.86
C LEU B 331 29.76 -7.34 22.15
N TYR B 332 30.55 -8.39 21.84
CA TYR B 332 30.06 -9.62 21.24
C TYR B 332 29.01 -10.26 22.13
N GLU B 333 29.33 -10.38 23.42
CA GLU B 333 28.49 -11.01 24.42
C GLU B 333 27.19 -10.22 24.61
N TYR B 334 27.31 -8.88 24.68
CA TYR B 334 26.18 -8.03 24.99
C TYR B 334 25.24 -7.86 23.79
N ALA B 335 25.80 -8.10 22.58
CA ALA B 335 25.08 -7.92 21.34
C ALA B 335 24.19 -9.12 21.04
N ARG B 336 24.70 -10.34 21.36
CA ARG B 336 23.98 -11.57 21.14
C ARG B 336 22.66 -11.60 21.90
N ARG B 337 22.71 -11.17 23.17
CA ARG B 337 21.62 -11.33 24.13
C ARG B 337 20.53 -10.27 23.94
N HIS B 338 20.88 -9.11 23.34
CA HIS B 338 19.99 -7.97 23.21
C HIS B 338 19.79 -7.57 21.73
N PRO B 339 18.96 -8.34 21.00
CA PRO B 339 18.45 -7.98 19.67
C PRO B 339 17.63 -6.69 19.69
N ASP B 340 17.13 -6.32 20.87
CA ASP B 340 16.19 -5.23 21.08
C ASP B 340 16.88 -3.87 20.96
N TYR B 341 18.14 -3.82 21.42
CA TYR B 341 18.95 -2.62 21.49
C TYR B 341 19.58 -2.35 20.10
N SER B 342 19.64 -1.07 19.73
CA SER B 342 20.34 -0.59 18.54
C SER B 342 21.86 -0.67 18.76
N VAL B 343 22.64 -0.66 17.68
CA VAL B 343 24.09 -0.78 17.76
C VAL B 343 24.64 0.46 18.44
N VAL B 344 24.02 1.63 18.14
CA VAL B 344 24.39 2.91 18.73
C VAL B 344 24.32 2.82 20.24
N LEU B 345 23.20 2.28 20.76
CA LEU B 345 23.02 2.03 22.17
C LEU B 345 24.09 1.07 22.66
N LEU B 346 24.22 -0.07 21.97
CA LEU B 346 25.13 -1.13 22.35
C LEU B 346 26.57 -0.63 22.43
N LEU B 347 26.93 0.28 21.51
CA LEU B 347 28.23 0.92 21.48
C LEU B 347 28.39 1.90 22.65
N ARG B 348 27.27 2.47 23.12
CA ARG B 348 27.25 3.29 24.33
C ARG B 348 27.52 2.41 25.54
N LEU B 349 26.79 1.28 25.64
CA LEU B 349 26.95 0.31 26.72
C LEU B 349 28.37 -0.26 26.76
N ALA B 350 28.94 -0.54 25.58
CA ALA B 350 30.28 -1.08 25.43
C ALA B 350 31.32 -0.01 25.79
N LYS B 351 31.11 1.21 25.28
CA LYS B 351 32.00 2.35 25.46
C LYS B 351 32.04 2.76 26.93
N THR B 352 30.87 2.71 27.59
CA THR B 352 30.73 3.02 29.02
C THR B 352 31.52 2.04 29.87
N TYR B 353 31.39 0.74 29.58
CA TYR B 353 32.09 -0.33 30.29
C TYR B 353 33.60 -0.16 30.18
N GLU B 354 34.06 0.38 29.03
CA GLU B 354 35.48 0.55 28.73
C GLU B 354 36.09 1.64 29.61
N THR B 355 35.35 2.77 29.76
CA THR B 355 35.77 3.92 30.55
C THR B 355 35.84 3.56 32.03
N THR B 356 34.74 2.99 32.55
CA THR B 356 34.60 2.58 33.94
C THR B 356 35.72 1.61 34.31
N LEU B 357 36.13 0.76 33.36
CA LEU B 357 37.13 -0.25 33.61
C LEU B 357 38.53 0.36 33.50
N GLU B 358 38.67 1.38 32.63
CA GLU B 358 39.90 2.14 32.44
C GLU B 358 40.21 2.97 33.70
N LYS B 359 39.19 3.18 34.56
CA LYS B 359 39.28 3.97 35.78
C LYS B 359 39.46 3.07 37.01
N CYS B 360 38.76 1.92 37.03
CA CYS B 360 38.68 1.03 38.18
C CYS B 360 39.97 0.26 38.39
N CYS B 361 40.61 -0.16 37.29
CA CYS B 361 41.84 -0.94 37.33
C CYS B 361 43.03 -0.08 37.74
N ALA B 362 42.77 1.23 37.96
CA ALA B 362 43.74 2.23 38.39
C ALA B 362 43.58 2.54 39.88
N ALA B 363 42.32 2.50 40.35
CA ALA B 363 41.96 2.71 41.74
C ALA B 363 42.45 1.55 42.59
N ALA B 364 42.27 1.66 43.92
CA ALA B 364 42.86 0.73 44.85
C ALA B 364 42.15 -0.63 44.84
N ASP B 365 40.79 -0.61 44.84
CA ASP B 365 39.95 -1.80 44.84
C ASP B 365 39.06 -1.78 43.60
N PRO B 366 39.49 -2.37 42.46
CA PRO B 366 38.69 -2.37 41.25
C PRO B 366 37.34 -3.07 41.40
N HIS B 367 37.30 -4.18 42.15
CA HIS B 367 36.10 -5.00 42.25
C HIS B 367 34.93 -4.17 42.78
N GLU B 368 35.16 -3.44 43.89
CA GLU B 368 34.15 -2.56 44.47
C GLU B 368 33.88 -1.37 43.56
N CYS B 369 34.91 -0.97 42.79
CA CYS B 369 34.87 0.19 41.90
C CYS B 369 33.86 -0.03 40.76
N TYR B 370 34.01 -1.13 40.01
CA TYR B 370 33.11 -1.50 38.91
C TYR B 370 31.99 -2.43 39.37
N ALA B 371 31.43 -2.19 40.57
CA ALA B 371 30.34 -2.99 41.13
C ALA B 371 29.04 -2.72 40.38
N LYS B 372 28.69 -1.44 40.24
CA LYS B 372 27.45 -0.93 39.65
C LYS B 372 27.74 -0.37 38.24
N VAL B 373 28.49 -1.15 37.45
CA VAL B 373 28.91 -0.76 36.10
C VAL B 373 27.81 -1.09 35.10
N PHE B 374 27.02 -2.14 35.38
CA PHE B 374 25.87 -2.52 34.57
C PHE B 374 24.64 -1.69 34.94
N ASP B 375 24.64 -1.07 36.13
CA ASP B 375 23.53 -0.30 36.66
C ASP B 375 23.47 1.08 36.03
N GLU B 376 24.56 1.48 35.34
CA GLU B 376 24.64 2.82 34.73
C GLU B 376 24.28 2.75 33.25
N PHE B 377 23.91 1.55 32.77
CA PHE B 377 23.40 1.32 31.42
C PHE B 377 21.89 1.58 31.39
N LYS B 378 21.20 1.29 32.51
CA LYS B 378 19.76 1.41 32.63
C LYS B 378 19.29 2.77 32.13
N PRO B 379 19.96 3.88 32.53
CA PRO B 379 19.67 5.20 31.96
C PRO B 379 19.88 5.23 30.44
N LEU B 380 20.99 4.65 29.96
CA LEU B 380 21.37 4.65 28.54
C LEU B 380 20.34 3.93 27.69
N VAL B 381 19.77 2.82 28.23
CA VAL B 381 18.76 1.98 27.60
C VAL B 381 17.44 2.74 27.45
N GLU B 382 17.02 3.47 28.50
CA GLU B 382 15.72 4.11 28.59
C GLU B 382 15.59 5.30 27.62
N GLU B 383 16.70 6.00 27.37
CA GLU B 383 16.71 7.25 26.61
C GLU B 383 16.11 7.03 25.22
N PRO B 384 16.60 6.05 24.43
CA PRO B 384 16.02 5.73 23.13
C PRO B 384 14.59 5.19 23.24
N GLN B 385 14.32 4.38 24.28
CA GLN B 385 13.01 3.78 24.54
C GLN B 385 11.95 4.87 24.67
N ASN B 386 12.27 5.92 25.45
CA ASN B 386 11.38 7.05 25.66
C ASN B 386 11.24 7.86 24.38
N LEU B 387 12.33 7.93 23.60
CA LEU B 387 12.39 8.65 22.34
C LEU B 387 11.40 8.09 21.32
N ILE B 388 11.45 6.76 21.12
CA ILE B 388 10.69 6.03 20.12
C ILE B 388 9.19 6.10 20.43
N LYS B 389 8.83 5.99 21.72
CA LYS B 389 7.44 5.99 22.15
C LYS B 389 6.86 7.40 22.04
N GLN B 390 7.56 8.40 22.59
CA GLN B 390 7.10 9.78 22.66
C GLN B 390 6.97 10.42 21.27
N ASN B 391 7.53 9.75 20.24
CA ASN B 391 7.63 10.26 18.88
C ASN B 391 6.68 9.49 17.96
N CYS B 392 6.47 8.20 18.23
CA CYS B 392 5.54 7.34 17.51
C CYS B 392 4.10 7.73 17.83
N GLU B 393 3.89 8.20 19.07
CA GLU B 393 2.65 8.78 19.55
C GLU B 393 2.31 10.02 18.73
N LEU B 394 3.27 10.96 18.66
CA LEU B 394 3.12 12.21 17.93
C LEU B 394 2.91 11.94 16.43
N PHE B 395 3.41 10.79 15.95
CA PHE B 395 3.37 10.45 14.53
C PHE B 395 1.96 10.06 14.08
N GLU B 396 1.37 9.09 14.79
CA GLU B 396 0.04 8.56 14.51
C GLU B 396 -1.05 9.60 14.74
N GLN B 397 -0.70 10.71 15.42
CA GLN B 397 -1.62 11.80 15.73
C GLN B 397 -1.53 12.91 14.69
N LEU B 398 -0.45 12.91 13.89
CA LEU B 398 -0.13 13.99 12.97
C LEU B 398 -0.20 13.50 11.53
N GLY B 399 0.45 12.35 11.25
CA GLY B 399 0.59 11.82 9.90
C GLY B 399 1.95 12.19 9.31
N GLU B 400 2.43 11.40 8.32
CA GLU B 400 3.77 11.53 7.75
C GLU B 400 3.99 12.98 7.29
N TYR B 401 3.16 13.42 6.35
CA TYR B 401 3.32 14.74 5.74
C TYR B 401 3.23 15.86 6.77
N LYS B 402 2.35 15.69 7.77
CA LYS B 402 2.14 16.64 8.86
C LYS B 402 3.35 16.64 9.79
N PHE B 403 3.88 15.45 10.09
CA PHE B 403 5.07 15.27 10.93
C PHE B 403 6.30 15.90 10.26
N GLN B 404 6.42 15.72 8.95
CA GLN B 404 7.50 16.32 8.17
C GLN B 404 7.45 17.84 8.26
N ASN B 405 6.24 18.40 8.11
CA ASN B 405 5.99 19.83 8.13
C ASN B 405 6.38 20.42 9.48
N ALA B 406 6.14 19.62 10.54
CA ALA B 406 6.45 20.01 11.91
C ALA B 406 7.97 20.13 12.09
N LEU B 407 8.72 19.30 11.37
CA LEU B 407 10.17 19.14 11.49
C LEU B 407 10.90 20.14 10.61
N LEU B 408 10.33 20.44 9.45
CA LEU B 408 10.89 21.40 8.52
C LEU B 408 11.07 22.77 9.18
N VAL B 409 10.12 23.13 10.08
CA VAL B 409 10.12 24.39 10.81
C VAL B 409 11.07 24.29 12.00
N ARG B 410 10.91 23.23 12.81
CA ARG B 410 11.67 23.03 14.03
C ARG B 410 13.15 22.81 13.75
N TYR B 411 13.53 22.73 12.46
CA TYR B 411 14.89 22.43 12.02
C TYR B 411 15.47 23.64 11.29
N THR B 412 14.67 24.31 10.45
CA THR B 412 15.02 25.59 9.84
C THR B 412 15.36 26.62 10.92
N LYS B 413 14.52 26.67 11.96
CA LYS B 413 14.72 27.51 13.14
C LYS B 413 16.09 27.25 13.76
N LYS B 414 16.49 25.96 13.85
CA LYS B 414 17.74 25.52 14.46
C LYS B 414 18.92 26.00 13.63
N VAL B 415 18.92 25.71 12.31
CA VAL B 415 19.99 26.09 11.39
C VAL B 415 19.40 26.64 10.10
N PRO B 416 19.01 27.93 10.03
CA PRO B 416 18.43 28.49 8.81
C PRO B 416 19.43 28.68 7.68
N GLN B 417 20.73 28.58 7.99
CA GLN B 417 21.79 28.78 7.01
C GLN B 417 21.84 27.61 6.02
N VAL B 418 21.35 26.42 6.44
CA VAL B 418 21.22 25.27 5.57
C VAL B 418 20.36 25.66 4.38
N SER B 419 20.76 25.25 3.17
CA SER B 419 20.05 25.48 1.92
C SER B 419 18.71 24.77 1.99
N THR B 420 17.68 25.43 1.44
CA THR B 420 16.30 24.95 1.47
C THR B 420 16.24 23.50 0.99
N PRO B 421 16.89 23.14 -0.15
CA PRO B 421 16.87 21.77 -0.61
C PRO B 421 17.35 20.82 0.49
N THR B 422 18.56 21.03 1.01
CA THR B 422 19.13 20.11 1.97
C THR B 422 18.19 19.93 3.17
N LEU B 423 17.40 20.97 3.49
CA LEU B 423 16.46 20.97 4.60
C LEU B 423 15.25 20.09 4.27
N VAL B 424 14.73 20.21 3.03
CA VAL B 424 13.50 19.56 2.59
C VAL B 424 13.64 18.03 2.65
N GLU B 425 14.63 17.50 1.91
CA GLU B 425 14.81 16.07 1.75
C GLU B 425 15.11 15.44 3.10
N VAL B 426 16.00 16.10 3.86
CA VAL B 426 16.48 15.64 5.16
C VAL B 426 15.32 15.54 6.16
N SER B 427 14.46 16.57 6.15
CA SER B 427 13.29 16.67 6.99
C SER B 427 12.20 15.68 6.56
N ARG B 428 12.09 15.44 5.24
CA ARG B 428 11.17 14.45 4.67
C ARG B 428 11.54 13.05 5.11
N ASN B 429 12.82 12.69 4.90
CA ASN B 429 13.33 11.34 5.14
C ASN B 429 13.36 11.01 6.63
N LEU B 430 13.67 12.00 7.47
CA LEU B 430 13.62 11.87 8.93
C LEU B 430 12.19 11.57 9.39
N GLY B 431 11.20 12.20 8.72
CA GLY B 431 9.80 12.00 9.01
C GLY B 431 9.30 10.61 8.58
N LYS B 432 10.09 9.93 7.75
CA LYS B 432 9.79 8.60 7.23
C LYS B 432 10.20 7.52 8.23
N VAL B 433 10.72 7.92 9.39
CA VAL B 433 11.06 6.98 10.44
C VAL B 433 9.77 6.42 11.03
N GLY B 434 8.78 7.30 11.19
CA GLY B 434 7.45 6.92 11.65
C GLY B 434 6.81 5.88 10.72
N SER B 435 6.85 6.15 9.39
CA SER B 435 6.31 5.31 8.34
C SER B 435 6.89 3.90 8.40
N LYS B 436 8.17 3.81 8.77
CA LYS B 436 8.90 2.55 8.79
C LYS B 436 8.73 1.83 10.13
N CYS B 437 9.23 2.43 11.22
CA CYS B 437 9.58 1.75 12.45
C CYS B 437 8.45 1.74 13.50
N CYS B 438 7.49 2.68 13.40
CA CYS B 438 6.42 2.82 14.39
C CYS B 438 5.33 1.74 14.22
N LYS B 439 5.45 0.92 13.16
CA LYS B 439 4.56 -0.20 12.87
C LYS B 439 5.00 -1.48 13.60
N HIS B 440 6.32 -1.67 13.74
CA HIS B 440 6.93 -2.83 14.37
C HIS B 440 6.52 -2.92 15.84
N PRO B 441 6.65 -4.10 16.48
CA PRO B 441 6.54 -4.21 17.93
C PRO B 441 7.67 -3.45 18.62
N GLU B 442 7.56 -3.29 19.95
CA GLU B 442 8.52 -2.52 20.73
C GLU B 442 9.87 -3.22 20.85
N ALA B 443 9.98 -4.43 20.29
CA ALA B 443 11.23 -5.20 20.26
C ALA B 443 12.10 -4.84 19.05
N LYS B 444 11.45 -4.58 17.91
CA LYS B 444 12.13 -4.37 16.63
C LYS B 444 12.28 -2.88 16.32
N ARG B 445 11.89 -1.99 17.26
CA ARG B 445 11.79 -0.57 16.95
C ARG B 445 13.15 0.10 17.06
N MET B 446 13.91 -0.20 18.13
CA MET B 446 15.16 0.51 18.40
C MET B 446 16.20 0.24 17.31
N PRO B 447 16.43 -1.03 16.89
CA PRO B 447 17.31 -1.31 15.78
C PRO B 447 16.83 -0.58 14.51
N CYS B 448 15.51 -0.60 14.25
CA CYS B 448 14.90 0.05 13.10
C CYS B 448 15.18 1.56 13.08
N ALA B 449 14.71 2.27 14.12
CA ALA B 449 14.71 3.72 14.20
C ALA B 449 16.13 4.29 14.34
N GLU B 450 16.85 3.90 15.41
CA GLU B 450 18.19 4.39 15.69
C GLU B 450 19.13 4.24 14.50
N ASP B 451 19.04 3.13 13.75
CA ASP B 451 19.88 2.84 12.58
C ASP B 451 19.50 3.70 11.39
N TYR B 452 18.18 3.86 11.17
CA TYR B 452 17.67 4.70 10.09
C TYR B 452 18.05 6.17 10.28
N LEU B 453 17.95 6.65 11.53
CA LEU B 453 18.27 8.02 11.92
C LEU B 453 19.73 8.33 11.55
N SER B 454 20.64 7.40 11.89
CA SER B 454 22.06 7.54 11.63
C SER B 454 22.36 7.66 10.13
N VAL B 455 21.57 6.93 9.33
CA VAL B 455 21.64 6.95 7.87
C VAL B 455 21.22 8.32 7.37
N VAL B 456 20.06 8.80 7.84
CA VAL B 456 19.46 10.05 7.37
C VAL B 456 20.25 11.25 7.88
N LEU B 457 20.84 11.08 9.07
CA LEU B 457 21.67 12.12 9.67
C LEU B 457 22.98 12.24 8.90
N ASN B 458 23.51 11.08 8.47
CA ASN B 458 24.76 10.99 7.71
C ASN B 458 24.64 11.65 6.34
N GLN B 459 23.42 11.68 5.78
CA GLN B 459 23.18 12.28 4.48
C GLN B 459 23.20 13.80 4.57
N LEU B 460 22.64 14.31 5.68
CA LEU B 460 22.69 15.73 6.03
C LEU B 460 24.13 16.14 6.24
N CYS B 461 24.92 15.29 6.96
CA CYS B 461 26.30 15.56 7.32
C CYS B 461 27.22 15.58 6.09
N VAL B 462 27.00 14.67 5.13
CA VAL B 462 27.74 14.60 3.88
C VAL B 462 27.34 15.76 2.98
N LEU B 463 26.05 16.15 3.05
CA LEU B 463 25.55 17.24 2.25
C LEU B 463 26.06 18.58 2.78
N HIS B 464 26.14 18.69 4.12
CA HIS B 464 26.66 19.88 4.80
C HIS B 464 28.15 20.04 4.53
N GLU B 465 28.89 18.90 4.60
CA GLU B 465 30.32 18.86 4.35
C GLU B 465 30.61 19.39 2.95
N LYS B 466 29.70 19.12 2.01
CA LYS B 466 29.78 19.58 0.63
C LYS B 466 29.85 21.11 0.60
N THR B 467 28.89 21.78 1.24
CA THR B 467 28.76 23.23 1.27
C THR B 467 28.42 23.70 2.70
N PRO B 468 29.43 23.85 3.59
CA PRO B 468 29.19 24.12 5.02
C PRO B 468 28.75 25.56 5.29
N VAL B 469 27.95 25.75 6.34
CA VAL B 469 27.35 27.03 6.68
C VAL B 469 27.14 27.20 8.19
N SER B 470 27.29 26.10 8.96
CA SER B 470 27.08 26.06 10.41
C SER B 470 28.08 25.11 11.08
N ASP B 471 28.69 25.55 12.19
CA ASP B 471 29.66 24.76 12.95
C ASP B 471 28.95 23.85 13.96
N ARG B 472 27.72 24.22 14.33
CA ARG B 472 26.86 23.40 15.18
C ARG B 472 26.60 22.05 14.50
N VAL B 473 26.47 22.08 13.16
CA VAL B 473 26.26 20.91 12.31
C VAL B 473 27.56 20.14 12.26
N THR B 474 28.65 20.84 11.88
CA THR B 474 29.99 20.28 11.75
C THR B 474 30.41 19.54 13.02
N LYS B 475 30.23 20.18 14.19
CA LYS B 475 30.59 19.60 15.47
C LYS B 475 29.91 18.25 15.67
N CYS B 476 28.58 18.19 15.36
CA CYS B 476 27.75 17.01 15.43
C CYS B 476 28.26 15.92 14.48
N CYS B 477 28.66 16.37 13.28
CA CYS B 477 29.09 15.49 12.19
C CYS B 477 30.51 14.95 12.43
N THR B 478 31.30 15.70 13.22
CA THR B 478 32.68 15.34 13.54
C THR B 478 32.77 14.67 14.92
N GLU B 479 31.79 14.94 15.81
CA GLU B 479 31.73 14.37 17.15
C GLU B 479 31.63 12.86 17.02
N SER B 480 31.65 12.14 18.15
CA SER B 480 31.37 10.70 18.20
C SER B 480 30.06 10.41 17.44
N LEU B 481 30.18 9.51 16.44
CA LEU B 481 29.10 9.12 15.54
C LEU B 481 27.86 8.68 16.32
N VAL B 482 28.10 8.01 17.46
CA VAL B 482 27.06 7.50 18.33
C VAL B 482 26.16 8.64 18.81
N ASN B 483 26.79 9.75 19.24
CA ASN B 483 26.12 10.88 19.88
C ASN B 483 25.63 11.90 18.86
N ARG B 484 25.60 11.54 17.57
CA ARG B 484 25.17 12.42 16.50
C ARG B 484 23.71 12.85 16.73
N ARG B 485 22.82 11.89 16.98
CA ARG B 485 21.40 12.16 17.11
C ARG B 485 21.14 13.06 18.34
N PRO B 486 21.66 12.71 19.54
CA PRO B 486 21.58 13.61 20.69
C PRO B 486 22.16 15.00 20.41
N CYS B 487 23.20 15.07 19.58
CA CYS B 487 23.91 16.30 19.26
C CYS B 487 23.05 17.30 18.51
N PHE B 488 22.31 16.82 17.50
CA PHE B 488 21.49 17.65 16.61
C PHE B 488 20.27 18.22 17.33
N SER B 489 19.60 17.37 18.12
CA SER B 489 18.37 17.72 18.81
C SER B 489 18.55 18.89 19.79
N ALA B 490 19.75 19.00 20.36
CA ALA B 490 20.10 19.93 21.43
C ALA B 490 21.01 21.06 20.95
N LEU B 491 20.74 21.60 19.76
CA LEU B 491 21.57 22.61 19.15
C LEU B 491 21.16 24.03 19.57
N GLU B 492 19.87 24.14 19.95
CA GLU B 492 19.26 25.42 20.28
C GLU B 492 19.03 26.22 19.00
N VAL B 493 18.04 27.12 19.04
CA VAL B 493 17.54 27.90 17.91
C VAL B 493 18.53 29.02 17.58
N ASP B 494 18.74 29.26 16.28
CA ASP B 494 19.65 30.30 15.81
C ASP B 494 19.08 31.67 16.18
N GLU B 495 19.77 32.36 17.11
CA GLU B 495 19.41 33.70 17.57
C GLU B 495 20.02 34.74 16.64
N THR B 496 21.35 34.63 16.44
CA THR B 496 22.16 35.57 15.67
C THR B 496 21.69 35.64 14.22
N TYR B 497 20.82 34.70 13.79
CA TYR B 497 20.22 34.70 12.46
C TYR B 497 19.50 36.03 12.22
N VAL B 498 20.29 37.06 11.84
CA VAL B 498 19.79 38.42 11.70
C VAL B 498 19.22 38.60 10.29
N PRO B 499 19.88 38.08 9.22
CA PRO B 499 19.30 38.15 7.88
C PRO B 499 18.01 37.32 7.81
N LYS B 500 17.02 37.84 7.05
CA LYS B 500 15.82 37.09 6.72
C LYS B 500 15.16 37.68 5.45
N GLU B 501 15.94 37.79 4.36
CA GLU B 501 15.56 38.63 3.23
C GLU B 501 14.24 38.14 2.63
N PHE B 502 13.41 39.09 2.13
CA PHE B 502 12.14 38.79 1.49
C PHE B 502 12.40 38.40 0.04
N ASN B 503 11.62 37.41 -0.45
CA ASN B 503 11.69 36.90 -1.81
C ASN B 503 10.29 37.01 -2.45
N ALA B 504 10.23 37.68 -3.60
CA ALA B 504 8.97 38.00 -4.28
C ALA B 504 8.68 37.01 -5.41
N GLU B 505 9.69 36.72 -6.23
CA GLU B 505 9.50 35.86 -7.40
C GLU B 505 9.59 34.38 -7.00
N THR B 506 9.96 34.10 -5.73
CA THR B 506 10.09 32.75 -5.20
C THR B 506 8.71 32.12 -4.96
N PHE B 507 7.86 32.83 -4.22
CA PHE B 507 6.53 32.37 -3.81
C PHE B 507 5.60 32.24 -5.02
N THR B 508 5.85 33.06 -6.06
CA THR B 508 5.12 33.08 -7.31
C THR B 508 5.31 31.74 -8.03
N PHE B 509 4.16 31.06 -8.25
CA PHE B 509 4.07 29.74 -8.87
C PHE B 509 3.57 29.88 -10.30
N HIS B 510 3.46 28.74 -11.00
CA HIS B 510 2.89 28.65 -12.33
C HIS B 510 2.10 27.36 -12.47
N ALA B 511 1.31 27.27 -13.56
CA ALA B 511 0.45 26.12 -13.86
C ALA B 511 1.25 24.83 -14.09
N ASP B 512 2.58 25.00 -14.25
CA ASP B 512 3.52 23.91 -14.46
C ASP B 512 3.49 22.94 -13.28
N ILE B 513 3.14 23.47 -12.10
CA ILE B 513 3.09 22.73 -10.85
C ILE B 513 1.99 21.68 -10.90
N CYS B 514 1.07 21.82 -11.88
CA CYS B 514 -0.12 20.99 -12.00
C CYS B 514 0.04 19.91 -13.05
N THR B 515 1.19 19.90 -13.74
CA THR B 515 1.57 18.87 -14.70
C THR B 515 2.51 17.84 -14.05
N LEU B 516 2.83 18.02 -12.76
CA LEU B 516 3.63 17.08 -11.97
C LEU B 516 2.74 16.14 -11.15
N SER B 517 3.38 15.14 -10.51
CA SER B 517 2.74 14.22 -9.58
C SER B 517 2.38 14.92 -8.27
N GLU B 518 1.73 14.20 -7.34
CA GLU B 518 1.29 14.72 -6.05
C GLU B 518 2.48 14.83 -5.10
N LYS B 519 3.38 13.82 -5.10
CA LYS B 519 4.54 13.81 -4.22
C LYS B 519 5.43 15.00 -4.60
N GLU B 520 5.64 15.21 -5.91
CA GLU B 520 6.42 16.32 -6.44
C GLU B 520 5.80 17.66 -6.04
N ARG B 521 4.46 17.72 -6.00
CA ARG B 521 3.69 18.91 -5.62
C ARG B 521 3.86 19.23 -4.14
N GLN B 522 3.73 18.20 -3.28
CA GLN B 522 3.90 18.35 -1.85
C GLN B 522 5.30 18.87 -1.54
N ILE B 523 6.29 18.40 -2.31
CA ILE B 523 7.70 18.74 -2.13
C ILE B 523 7.93 20.23 -2.40
N LYS B 524 7.21 20.78 -3.40
CA LYS B 524 7.28 22.21 -3.70
C LYS B 524 6.60 23.06 -2.63
N LYS B 525 5.57 22.49 -1.96
CA LYS B 525 4.89 23.13 -0.86
C LYS B 525 5.78 23.17 0.37
N GLN B 526 6.52 22.07 0.61
CA GLN B 526 7.48 21.96 1.70
C GLN B 526 8.70 22.85 1.45
N THR B 527 9.06 23.07 0.18
CA THR B 527 10.15 23.95 -0.22
C THR B 527 9.83 25.38 0.21
N ALA B 528 8.58 25.82 -0.05
CA ALA B 528 8.07 27.15 0.24
C ALA B 528 7.91 27.35 1.74
N LEU B 529 7.49 26.30 2.45
CA LEU B 529 7.32 26.32 3.89
C LEU B 529 8.61 26.77 4.55
N VAL B 530 9.74 26.21 4.11
CA VAL B 530 11.08 26.57 4.56
C VAL B 530 11.35 28.03 4.21
N GLU B 531 11.00 28.43 2.98
CA GLU B 531 11.21 29.76 2.45
C GLU B 531 10.39 30.81 3.21
N LEU B 532 9.32 30.35 3.87
CA LEU B 532 8.47 31.18 4.72
C LEU B 532 9.19 31.47 6.04
N VAL B 533 9.67 30.41 6.70
CA VAL B 533 10.35 30.50 7.98
C VAL B 533 11.69 31.24 7.83
N LYS B 534 12.24 31.19 6.62
CA LYS B 534 13.50 31.84 6.30
C LYS B 534 13.31 33.36 6.28
N HIS B 535 12.17 33.82 5.75
CA HIS B 535 11.78 35.22 5.73
C HIS B 535 11.21 35.66 7.07
N LYS B 536 10.43 34.77 7.71
CA LYS B 536 9.80 35.01 9.01
C LYS B 536 10.15 33.88 9.97
N PRO B 537 11.37 33.91 10.57
CA PRO B 537 11.80 32.89 11.54
C PRO B 537 10.91 32.78 12.77
N LYS B 538 10.37 33.94 13.19
CA LYS B 538 9.63 34.01 14.44
C LYS B 538 8.12 33.99 14.18
N ALA B 539 7.72 33.63 12.94
CA ALA B 539 6.32 33.49 12.54
C ALA B 539 5.72 32.23 13.17
N THR B 540 4.69 32.46 14.01
CA THR B 540 4.06 31.49 14.90
C THR B 540 3.46 30.35 14.09
N LYS B 541 3.33 29.17 14.71
CA LYS B 541 2.69 27.97 14.17
C LYS B 541 1.29 28.26 13.62
N GLU B 542 0.64 29.31 14.16
CA GLU B 542 -0.69 29.73 13.80
C GLU B 542 -0.70 30.43 12.44
N GLN B 543 0.19 31.43 12.28
CA GLN B 543 0.29 32.25 11.08
C GLN B 543 0.90 31.45 9.93
N LEU B 544 1.80 30.50 10.29
CA LEU B 544 2.51 29.64 9.35
C LEU B 544 1.52 28.66 8.70
N LYS B 545 0.73 27.97 9.56
CA LYS B 545 -0.23 26.99 9.10
C LYS B 545 -1.36 27.61 8.30
N ALA B 546 -1.61 28.91 8.52
CA ALA B 546 -2.63 29.69 7.85
C ALA B 546 -2.28 29.86 6.38
N VAL B 547 -1.06 30.35 6.13
CA VAL B 547 -0.52 30.60 4.79
C VAL B 547 -0.36 29.30 4.00
N MET B 548 0.07 28.23 4.70
CA MET B 548 0.34 26.92 4.10
C MET B 548 -0.91 26.37 3.43
N ASP B 549 -2.06 26.50 4.13
CA ASP B 549 -3.35 26.01 3.67
C ASP B 549 -3.89 26.89 2.53
N ASP B 550 -3.54 28.17 2.56
CA ASP B 550 -3.99 29.18 1.60
C ASP B 550 -3.24 29.03 0.28
N PHE B 551 -1.91 28.81 0.37
CA PHE B 551 -1.05 28.52 -0.78
C PHE B 551 -1.51 27.24 -1.48
N ALA B 552 -1.77 26.20 -0.67
CA ALA B 552 -2.25 24.90 -1.11
C ALA B 552 -3.62 25.01 -1.79
N ALA B 553 -4.39 26.05 -1.43
CA ALA B 553 -5.70 26.33 -1.96
C ALA B 553 -5.61 26.99 -3.34
N PHE B 554 -4.63 27.90 -3.48
CA PHE B 554 -4.43 28.73 -4.67
C PHE B 554 -3.95 27.89 -5.86
N VAL B 555 -3.43 26.68 -5.58
CA VAL B 555 -2.81 25.81 -6.58
C VAL B 555 -3.79 24.74 -7.05
N GLU B 556 -4.67 24.31 -6.11
CA GLU B 556 -5.65 23.25 -6.32
C GLU B 556 -6.89 23.79 -7.02
N LYS B 557 -7.31 25.00 -6.62
CA LYS B 557 -8.55 25.62 -7.08
C LYS B 557 -8.38 26.22 -8.48
N CYS B 558 -7.15 26.68 -8.78
CA CYS B 558 -6.84 27.46 -9.98
C CYS B 558 -6.48 26.56 -11.17
N CYS B 559 -6.22 25.27 -10.89
CA CYS B 559 -5.82 24.28 -11.88
C CYS B 559 -6.99 23.40 -12.32
N LYS B 560 -7.95 23.15 -11.40
CA LYS B 560 -9.18 22.42 -11.69
C LYS B 560 -10.10 23.25 -12.58
N ALA B 561 -9.95 24.58 -12.48
CA ALA B 561 -10.65 25.55 -13.33
C ALA B 561 -9.83 25.74 -14.61
N ASP B 562 -10.48 26.22 -15.68
CA ASP B 562 -9.79 26.49 -16.94
C ASP B 562 -9.18 27.90 -16.89
N ASP B 563 -8.51 28.18 -15.77
CA ASP B 563 -7.79 29.43 -15.54
C ASP B 563 -6.37 29.28 -16.08
N LYS B 564 -5.81 28.07 -15.94
CA LYS B 564 -4.48 27.77 -16.43
C LYS B 564 -3.44 28.53 -15.61
N GLU B 565 -2.63 29.36 -16.29
CA GLU B 565 -1.44 30.00 -15.74
C GLU B 565 -1.67 31.47 -15.42
N THR B 566 -2.95 31.90 -15.40
CA THR B 566 -3.31 33.31 -15.26
C THR B 566 -3.45 33.67 -13.78
N CYS B 567 -4.02 32.75 -12.98
CA CYS B 567 -4.27 32.92 -11.55
C CYS B 567 -2.95 32.96 -10.77
N PHE B 568 -2.04 32.02 -11.09
CA PHE B 568 -0.80 31.76 -10.37
C PHE B 568 0.09 33.02 -10.33
N ALA B 569 -0.20 33.95 -11.25
CA ALA B 569 0.53 35.21 -11.41
C ALA B 569 0.09 36.22 -10.33
N GLU B 570 -1.19 36.13 -9.90
CA GLU B 570 -1.74 37.02 -8.88
C GLU B 570 -1.11 36.68 -7.52
N GLU B 571 -0.04 37.42 -7.18
CA GLU B 571 0.82 37.14 -6.03
C GLU B 571 0.05 37.23 -4.72
N GLY B 572 -0.42 38.45 -4.38
CA GLY B 572 -1.24 38.72 -3.21
C GLY B 572 -0.49 38.56 -1.89
N LYS B 573 0.38 39.56 -1.58
CA LYS B 573 1.08 39.76 -0.31
C LYS B 573 1.62 41.21 -0.25
#